data_6BXZ
#
_entry.id   6BXZ
#
_cell.length_a   92.284
_cell.length_b   49.246
_cell.length_c   108.253
_cell.angle_alpha   90.00
_cell.angle_beta   92.15
_cell.angle_gamma   90.00
#
_symmetry.space_group_name_H-M   'P 1 21 1'
#
loop_
_entity.id
_entity.type
_entity.pdbx_description
1 polymer 'Protocadherin related 15'
2 non-polymer 'CALCIUM ION'
3 water water
#
_entity_poly.entity_id   1
_entity_poly.type   'polypeptide(L)'
_entity_poly.pdbx_seq_one_letter_code
;MHPGEIPRFTQEEYRPPPVSELAAKGTMVGLISAAAINQSIVYSIVSGNEEDKFGINNITGVIYVNAPLDYETRTSYVLR
VQADSLEVVLANLRVPSKSNTAKVYIEIQDENDHPPVFQKKFYIGGVSEDARMFASVLRVKATDKDTGNYSAMAYRLIIP
PIKEGKEGFVVETYTGLIKTAMLFHNMRRSYFKFQVIATDDYGKGLSGKADVLVSVVNQLDMQVIVSNVPPTLVEKKIED
LTEILDRYVQEQIPGAKVVVESIGARRHGDAFSLEDYTKCDLTVYAIDPQTNRAVDRNELFKFLDGKLLDINKDFQPYYG
EGGRILEIRTPEAVTSIKKRGESLGYTELEHHHHHH
;
_entity_poly.pdbx_strand_id   C,A
#
loop_
_chem_comp.id
_chem_comp.type
_chem_comp.name
_chem_comp.formula
CA non-polymer 'CALCIUM ION' 'Ca 2'
#
# COMPACT_ATOMS: atom_id res chain seq x y z
N GLY A 4 38.22 2.84 49.82
CA GLY A 4 37.92 2.60 48.37
C GLY A 4 36.45 2.73 47.99
N GLU A 5 36.12 3.83 47.32
CA GLU A 5 34.77 4.04 46.80
C GLU A 5 34.58 3.21 45.52
N ILE A 6 33.53 2.39 45.46
CA ILE A 6 33.13 1.69 44.22
C ILE A 6 32.83 2.76 43.14
N PRO A 7 33.43 2.63 41.92
CA PRO A 7 33.22 3.66 40.90
C PRO A 7 31.77 3.87 40.53
N ARG A 8 31.36 5.14 40.50
CA ARG A 8 29.98 5.53 40.23
C ARG A 8 29.92 6.18 38.85
N PHE A 9 29.21 5.54 37.94
CA PHE A 9 28.95 6.09 36.62
C PHE A 9 28.01 7.31 36.70
N THR A 10 28.13 8.20 35.71
CA THR A 10 27.21 9.34 35.58
C THR A 10 25.78 8.88 35.28
N GLN A 11 25.64 7.71 34.64
CA GLN A 11 24.34 7.12 34.33
C GLN A 11 24.38 5.62 34.63
N GLU A 12 23.22 5.06 35.00
CA GLU A 12 23.12 3.61 35.27
C GLU A 12 23.34 2.79 33.99
N GLU A 13 22.80 3.27 32.87
CA GLU A 13 23.06 2.71 31.55
C GLU A 13 23.21 3.83 30.53
N TYR A 14 23.83 3.56 29.40
CA TYR A 14 24.07 4.57 28.37
C TYR A 14 23.32 4.19 27.08
N ARG A 15 22.67 5.18 26.49
CA ARG A 15 21.99 5.05 25.21
C ARG A 15 22.40 6.21 24.34
N PRO A 16 23.60 6.13 23.73
CA PRO A 16 24.06 7.24 22.90
C PRO A 16 23.27 7.31 21.59
N PRO A 17 23.41 8.42 20.84
CA PRO A 17 22.66 8.52 19.59
C PRO A 17 23.05 7.43 18.59
N PRO A 18 22.21 7.18 17.56
CA PRO A 18 22.54 6.15 16.57
C PRO A 18 23.87 6.42 15.84
N VAL A 19 24.56 5.37 15.42
CA VAL A 19 25.83 5.52 14.70
C VAL A 19 25.65 5.07 13.25
N SER A 20 26.02 5.96 12.34
CA SER A 20 25.96 5.70 10.90
C SER A 20 26.63 4.38 10.57
N GLU A 21 25.96 3.55 9.76
CA GLU A 21 26.57 2.31 9.28
C GLU A 21 27.75 2.56 8.35
N LEU A 22 27.86 3.78 7.81
CA LEU A 22 29.01 4.20 7.02
C LEU A 22 30.07 4.94 7.85
N ALA A 23 30.03 4.83 9.19
CA ALA A 23 31.01 5.51 10.06
C ALA A 23 32.43 5.01 9.79
N ALA A 24 33.36 5.94 9.63
CA ALA A 24 34.77 5.60 9.48
C ALA A 24 35.32 5.17 10.84
N LYS A 25 36.41 4.41 10.82
CA LYS A 25 37.13 4.07 12.05
C LYS A 25 37.56 5.34 12.77
N GLY A 26 37.48 5.31 14.10
CA GLY A 26 37.75 6.46 14.95
C GLY A 26 36.59 7.40 15.19
N THR A 27 35.40 7.13 14.60
CA THR A 27 34.23 7.97 14.84
C THR A 27 33.75 7.76 16.26
N MET A 28 33.45 8.85 16.97
CA MET A 28 32.95 8.78 18.34
C MET A 28 31.53 8.22 18.33
N VAL A 29 31.26 7.29 19.24
CA VAL A 29 29.90 6.77 19.47
C VAL A 29 29.31 7.47 20.70
N GLY A 30 30.06 7.52 21.79
CA GLY A 30 29.64 8.26 22.97
C GLY A 30 30.66 8.23 24.11
N LEU A 31 30.34 8.94 25.18
CA LEU A 31 31.22 9.10 26.33
C LEU A 31 30.72 8.27 27.51
N ILE A 32 31.64 7.53 28.14
CA ILE A 32 31.40 6.84 29.40
C ILE A 32 32.24 7.54 30.47
N SER A 33 31.63 7.81 31.63
CA SER A 33 32.25 8.57 32.71
C SER A 33 31.92 7.96 34.06
N ALA A 34 32.96 7.72 34.87
CA ALA A 34 32.77 7.30 36.25
C ALA A 34 33.83 7.95 37.12
N ALA A 35 33.54 8.07 38.41
CA ALA A 35 34.46 8.66 39.37
C ALA A 35 34.51 7.80 40.61
N ALA A 36 35.68 7.74 41.25
CA ALA A 36 35.84 7.21 42.60
C ALA A 36 36.76 8.18 43.32
N ILE A 37 36.34 8.68 44.48
CA ILE A 37 37.06 9.72 45.24
C ILE A 37 38.59 9.45 45.39
N ASN A 38 39.39 10.45 45.00
CA ASN A 38 40.86 10.41 45.07
C ASN A 38 41.53 9.27 44.27
N GLN A 39 40.89 8.79 43.21
CA GLN A 39 41.44 7.67 42.43
C GLN A 39 41.21 7.91 40.94
N SER A 40 42.23 7.66 40.11
CA SER A 40 42.07 7.67 38.65
C SER A 40 41.25 6.47 38.16
N ILE A 41 40.62 6.60 36.99
CA ILE A 41 39.69 5.60 36.44
C ILE A 41 40.18 5.07 35.08
N VAL A 42 40.11 3.76 34.86
CA VAL A 42 40.35 3.17 33.53
C VAL A 42 39.14 2.39 33.01
N TYR A 43 38.90 2.53 31.71
CA TYR A 43 37.71 1.99 31.08
C TYR A 43 38.06 0.83 30.18
N SER A 44 37.24 -0.23 30.21
CA SER A 44 37.34 -1.32 29.23
C SER A 44 35.95 -1.81 28.82
N ILE A 45 35.92 -2.62 27.77
CA ILE A 45 34.70 -3.27 27.28
C ILE A 45 34.79 -4.73 27.66
N VAL A 46 33.80 -5.20 28.43
CA VAL A 46 33.87 -6.53 29.05
C VAL A 46 32.99 -7.60 28.37
N SER A 47 31.94 -7.19 27.66
CA SER A 47 31.12 -8.16 26.92
C SER A 47 30.30 -7.50 25.81
N GLY A 48 29.68 -8.34 24.97
CA GLY A 48 28.88 -7.89 23.84
C GLY A 48 29.63 -7.22 22.69
N ASN A 49 30.96 -7.28 22.68
CA ASN A 49 31.78 -6.74 21.60
C ASN A 49 32.52 -7.88 20.90
N GLU A 50 31.87 -9.05 20.80
CA GLU A 50 32.44 -10.24 20.18
C GLU A 50 32.92 -10.00 18.74
N GLU A 51 32.14 -9.23 17.98
CA GLU A 51 32.47 -8.95 16.57
C GLU A 51 33.58 -7.89 16.38
N ASP A 52 34.07 -7.29 17.48
CA ASP A 52 35.18 -6.33 17.49
C ASP A 52 34.89 -5.01 16.76
N LYS A 53 33.62 -4.62 16.73
CA LYS A 53 33.19 -3.43 15.99
C LYS A 53 33.47 -2.13 16.73
N PHE A 54 33.68 -2.20 18.05
CA PHE A 54 33.95 -1.01 18.85
C PHE A 54 35.21 -1.18 19.69
N GLY A 55 35.83 -0.05 20.01
CA GLY A 55 36.87 0.04 21.03
C GLY A 55 36.51 1.17 21.97
N ILE A 56 37.24 1.25 23.09
CA ILE A 56 37.09 2.35 24.04
C ILE A 56 38.49 2.82 24.43
N ASN A 57 38.67 4.14 24.49
CA ASN A 57 39.92 4.73 24.97
C ASN A 57 39.94 4.52 26.48
N ASN A 58 40.87 3.70 26.96
CA ASN A 58 40.87 3.33 28.38
C ASN A 58 41.07 4.52 29.36
N ILE A 59 41.57 5.66 28.89
CA ILE A 59 41.72 6.86 29.73
C ILE A 59 40.50 7.79 29.63
N THR A 60 40.07 8.14 28.43
CA THR A 60 39.01 9.15 28.24
C THR A 60 37.58 8.60 28.37
N GLY A 61 37.42 7.30 28.16
CA GLY A 61 36.11 6.67 28.18
C GLY A 61 35.29 6.84 26.91
N VAL A 62 35.92 7.35 25.84
CA VAL A 62 35.26 7.58 24.56
C VAL A 62 35.18 6.24 23.83
N ILE A 63 33.93 5.81 23.55
CA ILE A 63 33.66 4.64 22.72
C ILE A 63 33.69 5.12 21.27
N TYR A 64 34.39 4.36 20.42
CA TYR A 64 34.62 4.71 19.04
C TYR A 64 34.44 3.51 18.13
N VAL A 65 34.19 3.78 16.84
CA VAL A 65 34.04 2.74 15.83
C VAL A 65 35.42 2.18 15.47
N ASN A 66 35.53 0.86 15.51
CA ASN A 66 36.79 0.13 15.34
C ASN A 66 36.91 -0.62 14.02
N ALA A 67 35.78 -0.88 13.36
CA ALA A 67 35.72 -1.71 12.17
C ALA A 67 34.53 -1.32 11.30
N PRO A 68 34.47 -1.80 10.04
CA PRO A 68 33.29 -1.50 9.20
C PRO A 68 31.97 -1.99 9.80
N LEU A 69 30.95 -1.14 9.74
CA LEU A 69 29.60 -1.48 10.21
C LEU A 69 28.66 -1.77 9.03
N ASP A 70 27.56 -2.43 9.33
CA ASP A 70 26.58 -2.75 8.32
C ASP A 70 25.21 -3.00 8.96
N TYR A 71 24.33 -2.03 8.78
CA TYR A 71 22.95 -2.13 9.26
C TYR A 71 22.25 -3.38 8.75
N GLU A 72 22.56 -3.77 7.52
CA GLU A 72 21.94 -4.94 6.89
C GLU A 72 22.43 -6.29 7.43
N THR A 73 23.53 -6.31 8.18
CA THR A 73 23.98 -7.48 8.95
C THR A 73 23.53 -7.39 10.40
N ARG A 74 23.75 -6.24 11.04
CA ARG A 74 23.42 -6.10 12.45
C ARG A 74 23.03 -4.66 12.81
N THR A 75 21.88 -4.51 13.48
CA THR A 75 21.31 -3.20 13.79
C THR A 75 21.60 -2.68 15.20
N SER A 76 21.84 -3.59 16.14
CA SER A 76 21.92 -3.27 17.57
C SER A 76 23.09 -3.98 18.25
N TYR A 77 23.68 -3.30 19.22
CA TYR A 77 24.74 -3.88 20.06
C TYR A 77 24.47 -3.51 21.50
N VAL A 78 24.73 -4.46 22.40
CA VAL A 78 24.62 -4.20 23.83
C VAL A 78 25.97 -4.54 24.48
N LEU A 79 26.73 -3.49 24.80
CA LEU A 79 28.04 -3.62 25.43
C LEU A 79 27.93 -3.47 26.93
N ARG A 80 28.79 -4.18 27.66
CA ARG A 80 29.00 -3.90 29.08
C ARG A 80 30.37 -3.26 29.16
N VAL A 81 30.43 -2.02 29.67
CA VAL A 81 31.70 -1.34 29.93
C VAL A 81 32.01 -1.44 31.41
N GLN A 82 33.30 -1.53 31.73
CA GLN A 82 33.78 -1.62 33.11
C GLN A 82 34.69 -0.44 33.41
N ALA A 83 34.51 0.14 34.60
CA ALA A 83 35.37 1.19 35.12
C ALA A 83 36.09 0.63 36.36
N ASP A 84 37.42 0.73 36.34
CA ASP A 84 38.28 0.35 37.47
C ASP A 84 39.00 1.59 37.99
N SER A 85 38.94 1.80 39.30
CA SER A 85 39.81 2.78 39.95
C SER A 85 41.19 2.14 40.04
N LEU A 86 42.22 2.96 39.96
CA LEU A 86 43.59 2.46 40.05
C LEU A 86 44.00 2.49 41.53
N GLU A 87 44.69 1.42 41.93
CA GLU A 87 45.32 1.31 43.27
C GLU A 87 46.06 2.57 43.69
N VAL A 88 45.95 2.93 44.95
CA VAL A 88 46.89 3.87 45.54
C VAL A 88 47.64 3.09 46.63
N VAL A 89 48.96 3.01 46.47
CA VAL A 89 49.82 2.39 47.44
C VAL A 89 50.92 3.39 47.77
N LEU A 90 50.68 4.19 48.82
CA LEU A 90 51.59 5.23 49.29
C LEU A 90 51.84 5.05 50.79
N ALA A 91 52.73 5.87 51.35
CA ALA A 91 53.10 5.69 52.76
C ALA A 91 51.92 5.99 53.70
N ASN A 92 51.03 6.92 53.32
CA ASN A 92 49.88 7.33 54.13
C ASN A 92 48.50 7.05 53.57
N LEU A 93 48.43 6.59 52.33
CA LEU A 93 47.17 6.22 51.71
C LEU A 93 47.33 4.83 51.06
N ARG A 94 46.30 4.01 51.22
CA ARG A 94 46.23 2.67 50.68
C ARG A 94 44.79 2.49 50.27
N VAL A 95 44.52 2.64 48.98
CA VAL A 95 43.15 2.58 48.48
C VAL A 95 43.13 1.48 47.44
N PRO A 96 42.33 0.42 47.67
CA PRO A 96 42.20 -0.62 46.65
C PRO A 96 41.58 -0.15 45.32
N SER A 97 41.93 -0.88 44.27
CA SER A 97 41.19 -0.85 43.01
C SER A 97 39.81 -1.51 43.20
N LYS A 98 38.78 -0.82 42.72
CA LYS A 98 37.43 -1.35 42.76
C LYS A 98 36.78 -1.10 41.43
N SER A 99 35.95 -2.04 41.01
CA SER A 99 35.31 -2.01 39.72
C SER A 99 33.79 -1.95 39.78
N ASN A 100 33.20 -1.58 38.65
CA ASN A 100 31.76 -1.50 38.49
C ASN A 100 31.50 -1.43 37.00
N THR A 101 30.34 -1.90 36.57
CA THR A 101 30.00 -1.96 35.15
C THR A 101 28.72 -1.20 34.83
N ALA A 102 28.49 -1.00 33.53
CA ALA A 102 27.28 -0.34 33.05
C ALA A 102 27.03 -0.75 31.60
N LYS A 103 25.74 -0.85 31.25
CA LYS A 103 25.34 -1.29 29.93
C LYS A 103 25.36 -0.09 28.98
N VAL A 104 25.81 -0.33 27.74
CA VAL A 104 25.76 0.67 26.67
C VAL A 104 24.94 0.11 25.51
N TYR A 105 23.76 0.68 25.26
CA TYR A 105 22.91 0.26 24.13
C TYR A 105 23.29 1.08 22.90
N ILE A 106 23.91 0.45 21.90
CA ILE A 106 24.30 1.13 20.67
C ILE A 106 23.37 0.69 19.53
N GLU A 107 22.77 1.65 18.84
CA GLU A 107 21.93 1.38 17.66
C GLU A 107 22.63 1.87 16.40
N ILE A 108 22.57 1.07 15.35
CA ILE A 108 23.15 1.45 14.05
C ILE A 108 22.07 2.18 13.25
N GLN A 109 22.45 3.30 12.62
CA GLN A 109 21.54 4.05 11.78
C GLN A 109 21.67 3.54 10.35
N ASP A 110 20.53 3.16 9.76
CA ASP A 110 20.48 2.76 8.36
C ASP A 110 20.87 3.96 7.51
N GLU A 111 21.83 3.77 6.61
CA GLU A 111 22.11 4.72 5.54
C GLU A 111 21.68 4.16 4.18
N ASN A 112 21.55 5.07 3.22
CA ASN A 112 21.02 4.77 1.89
C ASN A 112 22.16 4.28 1.02
N ASP A 113 22.48 2.99 1.14
CA ASP A 113 23.60 2.39 0.40
C ASP A 113 23.20 1.28 -0.56
N HIS A 114 21.91 1.16 -0.87
CA HIS A 114 21.46 0.22 -1.88
C HIS A 114 20.57 1.00 -2.85
N PRO A 115 20.91 0.99 -4.15
CA PRO A 115 20.00 1.66 -5.08
C PRO A 115 18.76 0.80 -5.37
N PRO A 116 17.65 1.42 -5.81
CA PRO A 116 16.48 0.66 -6.28
C PRO A 116 16.81 -0.36 -7.39
N VAL A 117 16.22 -1.56 -7.30
CA VAL A 117 16.34 -2.59 -8.31
C VAL A 117 14.91 -2.97 -8.68
N PHE A 118 14.57 -2.81 -9.96
CA PHE A 118 13.27 -3.28 -10.45
C PHE A 118 13.18 -4.80 -10.42
N GLN A 119 11.98 -5.31 -10.14
CA GLN A 119 11.77 -6.75 -10.09
C GLN A 119 11.93 -7.40 -11.45
N LYS A 120 11.66 -6.68 -12.52
CA LYS A 120 12.01 -7.13 -13.88
C LYS A 120 12.85 -6.06 -14.53
N LYS A 121 13.79 -6.44 -15.39
CA LYS A 121 14.58 -5.48 -16.17
C LYS A 121 13.77 -4.91 -17.35
N PHE A 122 12.80 -5.69 -17.82
CA PHE A 122 12.03 -5.38 -19.03
C PHE A 122 10.55 -5.69 -18.80
N TYR A 123 9.73 -4.65 -18.79
CA TYR A 123 8.29 -4.81 -18.62
C TYR A 123 7.60 -4.72 -19.96
N ILE A 124 6.72 -5.69 -20.25
CA ILE A 124 6.00 -5.72 -21.52
C ILE A 124 4.49 -5.61 -21.26
N GLY A 125 3.87 -4.70 -21.98
CA GLY A 125 2.44 -4.44 -21.90
C GLY A 125 1.88 -4.10 -23.25
N GLY A 126 0.57 -3.91 -23.26
CA GLY A 126 -0.13 -3.52 -24.46
C GLY A 126 -1.27 -2.61 -24.17
N VAL A 127 -1.72 -1.94 -25.22
CA VAL A 127 -2.91 -1.15 -25.16
C VAL A 127 -3.70 -1.43 -26.43
N SER A 128 -4.99 -1.45 -26.27
CA SER A 128 -5.90 -1.59 -27.34
C SER A 128 -6.17 -0.20 -27.98
N GLU A 129 -6.50 -0.19 -29.29
CA GLU A 129 -6.89 1.05 -29.97
C GLU A 129 -8.02 1.82 -29.27
N ASP A 130 -8.96 1.13 -28.65
CA ASP A 130 -10.06 1.79 -27.91
C ASP A 130 -9.86 1.86 -26.38
N ALA A 131 -8.62 1.77 -25.88
CA ALA A 131 -8.36 1.99 -24.47
C ALA A 131 -8.85 3.42 -24.10
N ARG A 132 -9.54 3.52 -22.98
CA ARG A 132 -9.97 4.80 -22.43
C ARG A 132 -8.76 5.51 -21.84
N MET A 133 -8.86 6.83 -21.74
CA MET A 133 -7.81 7.64 -21.13
C MET A 133 -7.58 7.17 -19.69
N PHE A 134 -6.32 7.07 -19.33
CA PHE A 134 -5.87 6.67 -18.00
C PHE A 134 -6.21 5.19 -17.66
N ALA A 135 -6.38 4.36 -18.69
CA ALA A 135 -6.53 2.90 -18.52
C ALA A 135 -5.19 2.35 -18.00
N SER A 136 -5.27 1.37 -17.12
CA SER A 136 -4.10 0.75 -16.57
C SER A 136 -3.41 -0.05 -17.67
N VAL A 137 -2.09 0.03 -17.70
CA VAL A 137 -1.30 -0.71 -18.68
C VAL A 137 -0.56 -1.81 -17.91
N LEU A 138 0.30 -1.42 -16.99
CA LEU A 138 0.97 -2.39 -16.12
C LEU A 138 1.49 -1.69 -14.88
N ARG A 139 1.85 -2.48 -13.87
CA ARG A 139 2.36 -1.95 -12.62
C ARG A 139 3.82 -2.36 -12.48
N VAL A 140 4.69 -1.39 -12.22
CA VAL A 140 6.10 -1.70 -11.95
C VAL A 140 6.39 -1.61 -10.45
N LYS A 141 7.50 -2.20 -10.02
CA LYS A 141 7.89 -2.20 -8.61
C LYS A 141 9.40 -2.38 -8.50
N ALA A 142 10.03 -1.48 -7.78
CA ALA A 142 11.42 -1.62 -7.41
C ALA A 142 11.50 -1.73 -5.89
N THR A 143 12.49 -2.47 -5.41
CA THR A 143 12.78 -2.58 -3.98
C THR A 143 14.27 -2.44 -3.76
N ASP A 144 14.67 -2.19 -2.52
CA ASP A 144 16.07 -2.38 -2.15
C ASP A 144 16.15 -2.73 -0.68
N LYS A 145 17.33 -3.16 -0.27
CA LYS A 145 17.54 -3.72 1.07
C LYS A 145 17.55 -2.72 2.21
N ASP A 146 17.53 -1.41 1.93
CA ASP A 146 17.48 -0.39 2.98
C ASP A 146 16.12 -0.38 3.64
N THR A 147 15.98 0.35 4.73
CA THR A 147 14.76 0.41 5.51
C THR A 147 14.05 1.75 5.35
N GLY A 148 12.73 1.74 5.54
CA GLY A 148 11.91 2.94 5.61
C GLY A 148 12.02 3.82 4.38
N ASN A 149 12.23 5.12 4.59
CA ASN A 149 12.38 6.08 3.52
C ASN A 149 13.47 5.68 2.50
N TYR A 150 14.55 5.06 2.95
CA TYR A 150 15.67 4.72 2.06
C TYR A 150 15.44 3.56 1.06
N SER A 151 14.28 2.91 1.14
CA SER A 151 13.81 2.05 0.07
C SER A 151 12.35 2.36 -0.36
N ALA A 152 11.88 3.59 -0.07
CA ALA A 152 10.53 4.01 -0.42
C ALA A 152 10.62 4.80 -1.72
N MET A 153 9.90 4.32 -2.74
CA MET A 153 10.15 4.72 -4.12
C MET A 153 9.25 5.83 -4.62
N ALA A 154 9.84 6.75 -5.38
CA ALA A 154 9.10 7.59 -6.34
C ALA A 154 9.46 7.09 -7.75
N TYR A 155 8.44 6.91 -8.59
CA TYR A 155 8.58 6.45 -9.97
C TYR A 155 8.34 7.58 -10.97
N ARG A 156 9.08 7.55 -12.08
CA ARG A 156 8.85 8.45 -13.20
C ARG A 156 9.20 7.76 -14.51
N LEU A 157 8.69 8.28 -15.62
CA LEU A 157 8.92 7.77 -16.96
C LEU A 157 9.85 8.67 -17.75
N ILE A 158 10.71 8.08 -18.56
CA ILE A 158 11.47 8.83 -19.56
C ILE A 158 11.00 8.27 -20.90
N ILE A 159 10.22 9.07 -21.60
CA ILE A 159 9.52 8.69 -22.84
C ILE A 159 9.97 9.69 -23.93
N PRO A 160 10.43 9.21 -25.10
CA PRO A 160 10.72 10.09 -26.24
C PRO A 160 9.60 11.08 -26.56
N PRO A 161 9.96 12.29 -27.06
CA PRO A 161 8.96 13.31 -27.39
C PRO A 161 7.77 12.78 -28.20
N ILE A 162 6.57 13.24 -27.87
CA ILE A 162 5.40 13.01 -28.75
C ILE A 162 4.86 14.38 -29.14
N LYS A 163 4.48 14.56 -30.39
CA LYS A 163 3.94 15.83 -30.84
C LYS A 163 2.62 16.25 -30.12
N GLU A 164 2.31 17.53 -30.23
CA GLU A 164 0.95 18.10 -30.01
C GLU A 164 0.49 18.05 -28.55
N GLY A 165 1.49 18.08 -27.65
CA GLY A 165 1.26 18.02 -26.22
C GLY A 165 0.86 16.69 -25.66
N LYS A 166 0.98 15.60 -26.45
CA LYS A 166 0.60 14.28 -25.95
C LYS A 166 1.75 13.70 -25.11
N GLU A 167 1.45 13.06 -24.00
CA GLU A 167 2.46 12.47 -23.12
C GLU A 167 2.63 10.95 -23.31
N GLY A 168 1.68 10.29 -23.98
CA GLY A 168 1.76 8.83 -24.21
C GLY A 168 1.20 8.05 -23.02
N PHE A 169 2.01 8.02 -21.95
CA PHE A 169 1.74 7.30 -20.70
C PHE A 169 2.20 8.14 -19.52
N VAL A 170 1.61 7.86 -18.36
CA VAL A 170 2.03 8.44 -17.11
C VAL A 170 2.19 7.30 -16.13
N VAL A 171 2.93 7.58 -15.06
CA VAL A 171 3.06 6.63 -13.96
C VAL A 171 2.63 7.31 -12.68
N GLU A 172 1.87 6.61 -11.86
CA GLU A 172 1.53 7.07 -10.52
C GLU A 172 2.83 7.05 -9.72
N THR A 173 3.19 8.20 -9.17
CA THR A 173 4.50 8.45 -8.57
C THR A 173 4.86 7.45 -7.44
N TYR A 174 3.92 7.08 -6.59
CA TYR A 174 4.23 6.18 -5.44
C TYR A 174 3.76 4.74 -5.59
N THR A 175 2.87 4.44 -6.55
CA THR A 175 2.31 3.10 -6.66
C THR A 175 2.92 2.30 -7.80
N GLY A 176 3.58 2.98 -8.72
CA GLY A 176 4.15 2.33 -9.90
C GLY A 176 3.18 1.94 -11.01
N LEU A 177 1.92 2.37 -10.93
CA LEU A 177 0.94 2.03 -11.96
C LEU A 177 1.14 2.89 -13.21
N ILE A 178 1.41 2.25 -14.35
CA ILE A 178 1.56 2.98 -15.61
C ILE A 178 0.19 2.99 -16.27
N LYS A 179 -0.26 4.17 -16.70
CA LYS A 179 -1.60 4.36 -17.31
C LYS A 179 -1.45 5.06 -18.65
N THR A 180 -2.47 4.95 -19.51
CA THR A 180 -2.48 5.66 -20.78
C THR A 180 -2.70 7.18 -20.57
N ALA A 181 -2.09 8.00 -21.43
CA ALA A 181 -2.32 9.43 -21.38
C ALA A 181 -2.70 10.02 -22.72
N MET A 182 -3.07 9.18 -23.66
CA MET A 182 -3.62 9.62 -24.95
C MET A 182 -4.51 8.49 -25.48
N LEU A 183 -5.26 8.77 -26.52
CA LEU A 183 -6.02 7.77 -27.23
C LEU A 183 -5.20 7.15 -28.35
N PHE A 184 -5.45 5.88 -28.65
CA PHE A 184 -4.63 5.11 -29.59
C PHE A 184 -5.38 4.70 -30.86
N HIS A 185 -6.41 5.45 -31.19
CA HIS A 185 -7.24 5.22 -32.40
C HIS A 185 -6.35 5.15 -33.61
N ASN A 186 -6.54 4.12 -34.42
CA ASN A 186 -5.80 3.92 -35.66
C ASN A 186 -4.30 3.70 -35.49
N MET A 187 -3.82 3.32 -34.31
CA MET A 187 -2.38 3.13 -34.08
C MET A 187 -1.96 1.66 -33.96
N ARG A 188 -2.87 0.73 -34.29
CA ARG A 188 -2.54 -0.68 -34.26
C ARG A 188 -1.21 -0.91 -34.97
N ARG A 189 -0.36 -1.71 -34.32
CA ARG A 189 0.97 -2.13 -34.82
C ARG A 189 2.05 -1.13 -34.51
N SER A 190 1.69 0.07 -34.02
CA SER A 190 2.66 0.97 -33.41
C SER A 190 3.08 0.43 -32.06
N TYR A 191 4.21 0.91 -31.55
CA TYR A 191 4.68 0.46 -30.24
C TYR A 191 5.56 1.57 -29.66
N PHE A 192 5.71 1.54 -28.33
CA PHE A 192 6.43 2.56 -27.57
C PHE A 192 7.42 1.86 -26.66
N LYS A 193 8.66 2.32 -26.74
CA LYS A 193 9.74 1.88 -25.87
C LYS A 193 10.17 3.04 -25.05
N PHE A 194 10.30 2.83 -23.75
CA PHE A 194 10.66 3.92 -22.86
C PHE A 194 11.25 3.35 -21.60
N GLN A 195 11.64 4.21 -20.65
CA GLN A 195 12.23 3.76 -19.39
C GLN A 195 11.36 4.19 -18.20
N VAL A 196 11.38 3.41 -17.13
CA VAL A 196 10.81 3.78 -15.86
C VAL A 196 12.00 3.84 -14.87
N ILE A 197 12.01 4.90 -14.07
CA ILE A 197 13.03 5.17 -13.09
C ILE A 197 12.36 5.06 -11.70
N ALA A 198 13.05 4.40 -10.78
CA ALA A 198 12.67 4.39 -9.38
C ALA A 198 13.74 5.13 -8.61
N THR A 199 13.34 6.07 -7.77
CA THR A 199 14.26 6.80 -6.94
C THR A 199 13.78 6.70 -5.50
N ASP A 200 14.67 6.23 -4.63
CA ASP A 200 14.30 6.02 -3.22
C ASP A 200 14.36 7.34 -2.44
N ASP A 201 14.01 7.27 -1.17
CA ASP A 201 13.80 8.45 -0.34
C ASP A 201 12.77 9.38 -1.02
N TYR A 202 11.72 8.74 -1.57
CA TYR A 202 10.64 9.43 -2.27
C TYR A 202 11.14 10.42 -3.31
N GLY A 203 12.10 10.01 -4.11
CA GLY A 203 12.62 10.83 -5.18
C GLY A 203 13.83 11.67 -4.88
N LYS A 204 14.40 11.59 -3.68
CA LYS A 204 15.56 12.41 -3.37
C LYS A 204 16.87 11.64 -3.21
N GLY A 205 16.85 10.31 -3.38
CA GLY A 205 18.02 9.46 -3.12
C GLY A 205 18.61 8.80 -4.37
N LEU A 206 18.80 7.49 -4.31
CA LEU A 206 19.44 6.74 -5.38
C LEU A 206 18.39 6.23 -6.38
N SER A 207 18.85 5.92 -7.57
CA SER A 207 18.01 5.55 -8.69
C SER A 207 18.39 4.21 -9.32
N GLY A 208 17.36 3.51 -9.79
CA GLY A 208 17.53 2.40 -10.72
C GLY A 208 16.49 2.52 -11.84
N LYS A 209 16.63 1.68 -12.86
CA LYS A 209 15.75 1.74 -14.02
C LYS A 209 15.38 0.39 -14.61
N ALA A 210 14.34 0.41 -15.44
CA ALA A 210 13.92 -0.73 -16.21
C ALA A 210 13.42 -0.23 -17.55
N ASP A 211 13.43 -1.09 -18.56
CA ASP A 211 12.84 -0.76 -19.85
C ASP A 211 11.39 -1.23 -19.92
N VAL A 212 10.60 -0.54 -20.74
CA VAL A 212 9.19 -0.83 -20.93
C VAL A 212 8.88 -0.82 -22.43
N LEU A 213 8.11 -1.82 -22.87
CA LEU A 213 7.54 -1.90 -24.19
C LEU A 213 6.05 -1.91 -24.03
N VAL A 214 5.36 -1.02 -24.73
CA VAL A 214 3.93 -1.09 -24.84
C VAL A 214 3.54 -1.14 -26.30
N SER A 215 2.89 -2.22 -26.72
CA SER A 215 2.52 -2.42 -28.11
CA SER A 215 2.53 -2.42 -28.11
C SER A 215 1.04 -2.14 -28.30
N VAL A 216 0.67 -1.55 -29.42
CA VAL A 216 -0.72 -1.18 -29.68
C VAL A 216 -1.38 -2.27 -30.55
N VAL A 217 -2.53 -2.75 -30.07
CA VAL A 217 -3.28 -3.81 -30.71
C VAL A 217 -4.71 -3.41 -30.91
N ASN A 218 -5.44 -4.26 -31.61
CA ASN A 218 -6.92 -4.19 -31.59
C ASN A 218 -7.47 -5.61 -31.65
N GLN A 219 -8.75 -5.76 -31.95
CA GLN A 219 -9.38 -7.08 -31.96
C GLN A 219 -8.79 -8.08 -32.97
N LEU A 220 -8.15 -7.58 -34.02
CA LEU A 220 -7.45 -8.47 -34.99
C LEU A 220 -6.29 -9.25 -34.37
N ASP A 221 -5.80 -8.81 -33.20
CA ASP A 221 -4.73 -9.46 -32.48
C ASP A 221 -5.20 -10.42 -31.39
N MET A 222 -6.49 -10.54 -31.20
CA MET A 222 -7.00 -11.13 -29.97
C MET A 222 -7.65 -12.49 -30.20
N GLN A 223 -7.70 -13.28 -29.13
CA GLN A 223 -8.51 -14.45 -29.06
C GLN A 223 -9.34 -14.42 -27.77
N VAL A 224 -10.49 -15.09 -27.81
CA VAL A 224 -11.40 -15.21 -26.65
C VAL A 224 -11.33 -16.64 -26.09
N ILE A 225 -10.89 -16.77 -24.84
CA ILE A 225 -10.91 -18.03 -24.11
C ILE A 225 -12.27 -18.07 -23.40
N VAL A 226 -13.09 -19.05 -23.74
CA VAL A 226 -14.39 -19.25 -23.13
C VAL A 226 -14.28 -20.34 -22.05
N SER A 227 -14.62 -20.00 -20.81
CA SER A 227 -14.54 -20.92 -19.66
C SER A 227 -15.89 -21.20 -19.03
N ASN A 228 -16.06 -22.36 -18.42
CA ASN A 228 -17.32 -22.71 -17.78
C ASN A 228 -17.40 -22.24 -16.28
N VAL A 229 -16.78 -21.11 -15.95
CA VAL A 229 -16.83 -20.51 -14.61
C VAL A 229 -17.15 -19.02 -14.72
N PRO A 230 -17.70 -18.41 -13.64
CA PRO A 230 -18.08 -17.01 -13.74
C PRO A 230 -16.92 -16.03 -13.92
N PRO A 231 -17.17 -14.89 -14.57
CA PRO A 231 -16.08 -13.95 -14.84
C PRO A 231 -15.44 -13.41 -13.57
N THR A 232 -16.21 -13.34 -12.49
CA THR A 232 -15.69 -12.91 -11.20
C THR A 232 -14.64 -13.84 -10.63
N LEU A 233 -14.77 -15.14 -10.89
CA LEU A 233 -13.72 -16.08 -10.48
CA LEU A 233 -13.73 -16.09 -10.47
C LEU A 233 -12.46 -15.86 -11.30
N VAL A 234 -12.62 -15.77 -12.61
CA VAL A 234 -11.46 -15.56 -13.52
C VAL A 234 -10.73 -14.26 -13.12
N GLU A 235 -11.50 -13.19 -12.85
CA GLU A 235 -10.91 -11.90 -12.56
C GLU A 235 -10.15 -11.92 -11.23
N LYS A 236 -10.70 -12.59 -10.23
CA LYS A 236 -10.05 -12.70 -8.93
C LYS A 236 -8.69 -13.40 -9.03
N LYS A 237 -8.56 -14.39 -9.93
CA LYS A 237 -7.36 -15.18 -10.05
C LYS A 237 -6.52 -14.81 -11.25
N ILE A 238 -6.78 -13.65 -11.87
CA ILE A 238 -6.27 -13.38 -13.22
C ILE A 238 -4.73 -13.35 -13.27
N GLU A 239 -4.06 -12.96 -12.19
CA GLU A 239 -2.61 -12.93 -12.21
C GLU A 239 -2.00 -14.34 -12.35
N ASP A 240 -2.52 -15.29 -11.59
CA ASP A 240 -2.06 -16.67 -11.66
C ASP A 240 -2.44 -17.32 -13.00
N LEU A 241 -3.66 -17.05 -13.48
CA LEU A 241 -4.09 -17.60 -14.76
C LEU A 241 -3.19 -17.05 -15.90
N THR A 242 -2.90 -15.74 -15.88
CA THR A 242 -2.08 -15.13 -16.93
C THR A 242 -0.66 -15.70 -16.92
N GLU A 243 -0.11 -15.94 -15.73
CA GLU A 243 1.20 -16.52 -15.57
C GLU A 243 1.23 -17.94 -16.18
N ILE A 244 0.17 -18.72 -15.96
CA ILE A 244 0.09 -20.04 -16.59
C ILE A 244 0.06 -19.93 -18.11
N LEU A 245 -0.77 -19.04 -18.64
CA LEU A 245 -0.84 -18.85 -20.08
C LEU A 245 0.49 -18.35 -20.68
N ASP A 246 1.21 -17.46 -19.99
CA ASP A 246 2.55 -17.03 -20.40
C ASP A 246 3.47 -18.23 -20.65
N ARG A 247 3.47 -19.20 -19.74
CA ARG A 247 4.31 -20.39 -19.88
C ARG A 247 4.03 -21.16 -21.17
N TYR A 248 2.76 -21.35 -21.51
CA TYR A 248 2.41 -22.07 -22.74
C TYR A 248 2.77 -21.25 -23.98
N VAL A 249 2.54 -19.94 -23.97
CA VAL A 249 2.90 -19.12 -25.13
C VAL A 249 4.43 -19.05 -25.27
N GLN A 250 5.13 -18.98 -24.14
CA GLN A 250 6.58 -18.82 -24.11
C GLN A 250 7.34 -20.05 -24.56
N GLU A 251 6.76 -21.24 -24.46
CA GLU A 251 7.45 -22.39 -25.08
C GLU A 251 7.39 -22.33 -26.62
N GLN A 252 6.48 -21.56 -27.20
CA GLN A 252 6.50 -21.32 -28.66
C GLN A 252 7.23 -20.04 -29.10
N ILE A 253 7.09 -18.96 -28.34
CA ILE A 253 7.63 -17.64 -28.68
C ILE A 253 8.34 -17.14 -27.43
N PRO A 254 9.67 -17.28 -27.37
CA PRO A 254 10.42 -16.92 -26.14
C PRO A 254 10.22 -15.49 -25.68
N GLY A 255 9.94 -15.29 -24.39
CA GLY A 255 9.75 -13.96 -23.82
C GLY A 255 8.40 -13.31 -24.12
N ALA A 256 7.48 -14.00 -24.77
CA ALA A 256 6.19 -13.41 -25.09
C ALA A 256 5.42 -13.16 -23.81
N LYS A 257 4.61 -12.11 -23.83
CA LYS A 257 3.82 -11.73 -22.67
C LYS A 257 2.35 -11.75 -23.05
N VAL A 258 1.53 -12.51 -22.30
CA VAL A 258 0.11 -12.54 -22.51
C VAL A 258 -0.50 -11.35 -21.78
N VAL A 259 -1.41 -10.67 -22.46
CA VAL A 259 -2.07 -9.50 -21.95
C VAL A 259 -3.57 -9.76 -22.02
N VAL A 260 -4.26 -9.44 -20.93
CA VAL A 260 -5.70 -9.56 -20.81
C VAL A 260 -6.36 -8.26 -21.26
N GLU A 261 -7.18 -8.33 -22.29
CA GLU A 261 -7.92 -7.18 -22.78
C GLU A 261 -9.17 -6.97 -21.95
N SER A 262 -9.95 -8.02 -21.66
CA SER A 262 -11.19 -7.89 -20.89
C SER A 262 -11.64 -9.25 -20.40
N ILE A 263 -12.52 -9.22 -19.41
CA ILE A 263 -13.07 -10.38 -18.74
C ILE A 263 -14.54 -10.08 -18.66
N GLY A 264 -15.39 -10.97 -19.15
CA GLY A 264 -16.84 -10.68 -19.22
C GLY A 264 -17.65 -11.92 -19.16
N ALA A 265 -18.98 -11.74 -19.15
CA ALA A 265 -19.85 -12.89 -19.23
C ALA A 265 -19.60 -13.64 -20.56
N ARG A 266 -19.96 -14.92 -20.61
CA ARG A 266 -19.90 -15.62 -21.86
C ARG A 266 -20.98 -15.05 -22.77
N ARG A 267 -20.58 -14.64 -23.99
CA ARG A 267 -21.55 -14.09 -24.92
C ARG A 267 -21.90 -15.20 -25.89
N HIS A 268 -23.17 -15.25 -26.27
CA HIS A 268 -23.70 -16.32 -27.11
C HIS A 268 -25.01 -15.84 -27.74
N GLY A 269 -25.62 -16.74 -28.52
CA GLY A 269 -26.87 -16.47 -29.20
C GLY A 269 -26.63 -15.63 -30.43
N ASP A 270 -27.73 -15.13 -30.99
CA ASP A 270 -27.73 -14.33 -32.21
C ASP A 270 -26.95 -13.06 -31.97
N ALA A 271 -25.98 -12.80 -32.83
CA ALA A 271 -25.11 -11.64 -32.76
C ALA A 271 -24.34 -11.54 -31.44
N PHE A 272 -24.11 -12.67 -30.78
CA PHE A 272 -23.49 -12.71 -29.45
C PHE A 272 -24.10 -11.68 -28.50
N SER A 273 -25.43 -11.55 -28.58
CA SER A 273 -26.15 -10.55 -27.82
C SER A 273 -26.57 -11.01 -26.43
N LEU A 274 -26.53 -12.32 -26.14
CA LEU A 274 -26.89 -12.83 -24.83
C LEU A 274 -25.66 -12.91 -23.95
N GLU A 275 -25.88 -12.76 -22.65
CA GLU A 275 -24.84 -12.83 -21.65
C GLU A 275 -25.16 -13.96 -20.68
N ASP A 276 -24.19 -14.85 -20.47
CA ASP A 276 -24.30 -15.90 -19.49
C ASP A 276 -23.23 -15.66 -18.42
N TYR A 277 -23.67 -15.19 -17.26
CA TYR A 277 -22.78 -14.84 -16.15
C TYR A 277 -22.30 -16.03 -15.33
N THR A 278 -22.79 -17.24 -15.63
CA THR A 278 -22.26 -18.44 -15.01
C THR A 278 -20.98 -18.88 -15.74
N LYS A 279 -20.69 -18.29 -16.89
CA LYS A 279 -19.54 -18.65 -17.71
C LYS A 279 -18.81 -17.36 -18.11
N CYS A 280 -17.66 -17.49 -18.75
CA CYS A 280 -16.76 -16.36 -18.90
C CYS A 280 -16.07 -16.34 -20.25
N ASP A 281 -16.05 -15.16 -20.85
CA ASP A 281 -15.23 -14.84 -22.05
C ASP A 281 -14.02 -14.01 -21.60
N LEU A 282 -12.83 -14.57 -21.77
CA LEU A 282 -11.55 -13.95 -21.37
C LEU A 282 -10.83 -13.58 -22.69
N THR A 283 -10.75 -12.30 -23.01
CA THR A 283 -10.11 -11.85 -24.25
C THR A 283 -8.64 -11.51 -24.00
N VAL A 284 -7.75 -12.15 -24.76
CA VAL A 284 -6.31 -12.04 -24.60
C VAL A 284 -5.58 -11.81 -25.92
N TYR A 285 -4.35 -11.35 -25.81
CA TYR A 285 -3.41 -11.27 -26.89
C TYR A 285 -2.03 -11.50 -26.28
N ALA A 286 -1.03 -11.61 -27.12
CA ALA A 286 0.32 -11.77 -26.60
C ALA A 286 1.25 -10.89 -27.39
N ILE A 287 2.22 -10.29 -26.69
CA ILE A 287 3.18 -9.42 -27.31
C ILE A 287 4.53 -10.18 -27.37
N ASP A 288 5.13 -10.15 -28.56
CA ASP A 288 6.41 -10.80 -28.86
C ASP A 288 7.53 -9.74 -28.82
N PRO A 289 8.41 -9.78 -27.80
CA PRO A 289 9.47 -8.77 -27.74
C PRO A 289 10.46 -8.83 -28.91
N GLN A 290 10.51 -9.91 -29.67
CA GLN A 290 11.31 -9.98 -30.89
C GLN A 290 10.81 -9.05 -31.99
N THR A 291 9.51 -8.88 -32.13
CA THR A 291 8.91 -8.00 -33.15
C THR A 291 8.40 -6.67 -32.61
N ASN A 292 8.22 -6.56 -31.28
CA ASN A 292 7.54 -5.42 -30.63
C ASN A 292 6.06 -5.31 -30.99
N ARG A 293 5.50 -6.40 -31.48
CA ARG A 293 4.12 -6.46 -31.94
C ARG A 293 3.43 -7.72 -31.47
N ALA A 294 2.14 -7.79 -31.69
CA ALA A 294 1.36 -8.91 -31.23
C ALA A 294 1.67 -10.18 -32.02
N VAL A 295 1.54 -11.31 -31.34
CA VAL A 295 1.57 -12.62 -31.96
C VAL A 295 0.35 -12.71 -32.89
N ASP A 296 0.55 -13.29 -34.05
CA ASP A 296 -0.51 -13.54 -35.03
C ASP A 296 -1.67 -14.29 -34.34
N ARG A 297 -2.90 -13.82 -34.48
CA ARG A 297 -3.99 -14.38 -33.69
C ARG A 297 -4.31 -15.87 -34.01
N ASN A 298 -4.08 -16.28 -35.24
CA ASN A 298 -4.21 -17.70 -35.64
C ASN A 298 -3.12 -18.57 -35.01
N GLU A 299 -1.90 -18.04 -34.88
CA GLU A 299 -0.86 -18.74 -34.14
C GLU A 299 -1.19 -18.84 -32.66
N LEU A 300 -1.69 -17.76 -32.07
CA LEU A 300 -2.11 -17.76 -30.69
C LEU A 300 -3.20 -18.82 -30.49
N PHE A 301 -4.17 -18.90 -31.42
CA PHE A 301 -5.20 -19.93 -31.36
C PHE A 301 -4.56 -21.32 -31.28
N LYS A 302 -3.61 -21.61 -32.18
CA LYS A 302 -2.96 -22.93 -32.21
C LYS A 302 -2.21 -23.26 -30.92
N PHE A 303 -1.51 -22.27 -30.36
CA PHE A 303 -0.75 -22.48 -29.13
C PHE A 303 -1.68 -22.84 -27.94
N LEU A 304 -2.84 -22.20 -27.86
CA LEU A 304 -3.79 -22.45 -26.76
C LEU A 304 -4.68 -23.68 -27.05
N ASP A 305 -5.30 -23.73 -28.22
CA ASP A 305 -6.19 -24.80 -28.59
C ASP A 305 -5.45 -26.14 -28.62
N GLY A 306 -4.21 -26.16 -29.09
CA GLY A 306 -3.42 -27.38 -29.10
C GLY A 306 -3.11 -27.92 -27.70
N LYS A 307 -3.14 -27.07 -26.67
CA LYS A 307 -2.72 -27.43 -25.34
C LYS A 307 -3.86 -27.38 -24.33
N LEU A 308 -5.11 -27.39 -24.81
CA LEU A 308 -6.25 -27.11 -23.93
C LEU A 308 -6.30 -28.06 -22.73
N LEU A 309 -5.97 -29.33 -22.94
CA LEU A 309 -6.03 -30.29 -21.87
C LEU A 309 -5.02 -30.01 -20.76
N ASP A 310 -3.82 -29.63 -21.15
CA ASP A 310 -2.77 -29.28 -20.19
C ASP A 310 -3.10 -27.97 -19.44
N ILE A 311 -3.60 -26.99 -20.16
CA ILE A 311 -3.97 -25.71 -19.59
C ILE A 311 -5.11 -25.91 -18.58
N ASN A 312 -6.11 -26.74 -18.93
CA ASN A 312 -7.20 -27.07 -18.03
C ASN A 312 -6.70 -27.74 -16.74
N LYS A 313 -5.74 -28.63 -16.85
CA LYS A 313 -5.13 -29.23 -15.67
C LYS A 313 -4.46 -28.17 -14.76
N ASP A 314 -3.68 -27.26 -15.32
CA ASP A 314 -3.05 -26.18 -14.55
C ASP A 314 -4.08 -25.17 -14.00
N PHE A 315 -5.22 -25.00 -14.66
CA PHE A 315 -6.28 -24.13 -14.15
C PHE A 315 -7.11 -24.77 -13.03
N GLN A 316 -7.01 -26.08 -12.82
CA GLN A 316 -7.87 -26.80 -11.86
CA GLN A 316 -7.86 -26.80 -11.87
C GLN A 316 -7.88 -26.25 -10.44
N PRO A 317 -6.71 -25.94 -9.86
CA PRO A 317 -6.71 -25.35 -8.52
C PRO A 317 -7.43 -24.01 -8.43
N TYR A 318 -7.57 -23.31 -9.54
CA TYR A 318 -8.24 -22.00 -9.60
C TYR A 318 -9.71 -22.13 -9.95
N TYR A 319 -10.01 -22.97 -10.93
CA TYR A 319 -11.36 -23.12 -11.47
C TYR A 319 -12.17 -24.11 -10.67
N GLY A 320 -11.54 -24.96 -9.88
CA GLY A 320 -12.22 -26.10 -9.27
C GLY A 320 -12.18 -27.27 -10.25
N GLU A 321 -12.46 -28.45 -9.71
CA GLU A 321 -12.41 -29.69 -10.48
C GLU A 321 -13.58 -29.61 -11.47
N GLY A 322 -13.30 -29.95 -12.74
CA GLY A 322 -14.32 -29.87 -13.80
C GLY A 322 -14.53 -28.47 -14.37
N GLY A 323 -13.77 -27.49 -13.85
CA GLY A 323 -13.66 -26.21 -14.48
C GLY A 323 -12.79 -26.42 -15.70
N ARG A 324 -13.16 -25.75 -16.80
CA ARG A 324 -12.49 -25.99 -18.06
C ARG A 324 -12.61 -24.75 -18.93
N ILE A 325 -11.61 -24.61 -19.80
CA ILE A 325 -11.73 -23.85 -21.02
C ILE A 325 -12.55 -24.69 -21.96
N LEU A 326 -13.66 -24.13 -22.41
CA LEU A 326 -14.59 -24.79 -23.33
C LEU A 326 -14.10 -24.66 -24.77
N GLU A 327 -13.63 -23.47 -25.15
CA GLU A 327 -13.16 -23.25 -26.52
C GLU A 327 -12.38 -21.96 -26.58
N ILE A 328 -11.66 -21.82 -27.68
CA ILE A 328 -10.99 -20.57 -28.02
C ILE A 328 -11.66 -20.08 -29.30
N ARG A 329 -12.04 -18.83 -29.39
CA ARG A 329 -12.63 -18.30 -30.64
C ARG A 329 -12.10 -16.88 -30.92
N THR A 330 -12.19 -16.46 -32.16
CA THR A 330 -11.95 -15.09 -32.60
C THR A 330 -13.05 -14.15 -32.10
N PRO A 331 -12.70 -12.93 -31.63
CA PRO A 331 -13.72 -11.97 -31.21
C PRO A 331 -14.84 -11.75 -32.25
N GLU A 332 -16.07 -11.73 -31.75
CA GLU A 332 -17.26 -11.70 -32.58
C GLU A 332 -17.43 -10.47 -33.46
N ALA A 333 -16.93 -9.32 -33.05
CA ALA A 333 -17.01 -8.10 -33.87
C ALA A 333 -16.13 -8.16 -35.13
N VAL A 334 -15.02 -8.89 -35.06
CA VAL A 334 -14.19 -9.22 -36.24
C VAL A 334 -14.86 -10.22 -37.20
N THR A 335 -15.17 -11.43 -36.74
CA THR A 335 -15.93 -12.42 -37.51
C THR A 335 -17.27 -11.89 -38.05
N SER A 336 -18.00 -11.04 -37.31
CA SER A 336 -19.26 -10.45 -37.82
C SER A 336 -19.11 -9.64 -39.14
N ILE A 337 -17.89 -9.19 -39.43
CA ILE A 337 -17.52 -8.79 -40.80
C ILE A 337 -17.61 -10.03 -41.73
N ILE B 6 24.61 -10.28 50.47
CA ILE B 6 23.76 -9.38 49.60
C ILE B 6 22.96 -10.27 48.63
N PRO B 7 21.61 -10.08 48.57
CA PRO B 7 20.79 -10.95 47.70
C PRO B 7 21.21 -10.90 46.23
N ARG B 8 21.37 -12.08 45.65
CA ARG B 8 21.79 -12.22 44.26
C ARG B 8 20.60 -12.72 43.45
N PHE B 9 20.15 -11.88 42.52
CA PHE B 9 19.08 -12.27 41.60
C PHE B 9 19.54 -13.35 40.61
N THR B 10 18.60 -14.15 40.13
CA THR B 10 18.88 -15.15 39.09
C THR B 10 19.29 -14.49 37.76
N GLN B 11 18.83 -13.27 37.53
CA GLN B 11 19.19 -12.47 36.35
C GLN B 11 19.47 -11.03 36.76
N GLU B 12 20.33 -10.35 36.01
CA GLU B 12 20.63 -8.93 36.29
C GLU B 12 19.41 -8.03 36.05
N GLU B 13 18.68 -8.33 34.99
CA GLU B 13 17.42 -7.66 34.67
C GLU B 13 16.43 -8.72 34.16
N TYR B 14 15.13 -8.40 34.24
CA TYR B 14 14.08 -9.32 33.83
C TYR B 14 13.31 -8.73 32.65
N ARG B 15 13.08 -9.57 31.65
CA ARG B 15 12.32 -9.20 30.45
C ARG B 15 11.32 -10.34 30.22
N PRO B 16 10.21 -10.34 30.98
CA PRO B 16 9.23 -11.41 30.82
C PRO B 16 8.45 -11.25 29.51
N PRO B 17 7.70 -12.29 29.10
CA PRO B 17 6.95 -12.18 27.85
C PRO B 17 5.92 -11.05 27.91
N PRO B 18 5.45 -10.58 26.73
CA PRO B 18 4.45 -9.48 26.72
C PRO B 18 3.16 -9.87 27.45
N VAL B 19 2.49 -8.88 28.05
CA VAL B 19 1.26 -9.14 28.80
C VAL B 19 0.08 -8.53 28.05
N SER B 20 -0.93 -9.36 27.80
CA SER B 20 -2.16 -8.97 27.12
C SER B 20 -2.73 -7.72 27.78
N GLU B 21 -3.12 -6.73 26.96
CA GLU B 21 -3.79 -5.54 27.46
C GLU B 21 -5.16 -5.87 28.05
N LEU B 22 -5.72 -7.03 27.70
CA LEU B 22 -6.98 -7.52 28.28
C LEU B 22 -6.75 -8.48 29.44
N ALA B 23 -5.55 -8.49 30.05
CA ALA B 23 -5.26 -9.42 31.17
C ALA B 23 -6.14 -9.09 32.37
N ALA B 24 -6.74 -10.13 32.94
CA ALA B 24 -7.54 -9.98 34.15
C ALA B 24 -6.61 -9.74 35.33
N LYS B 25 -7.14 -9.14 36.40
CA LYS B 25 -6.37 -8.94 37.63
C LYS B 25 -5.97 -10.31 38.17
N GLY B 26 -4.78 -10.38 38.74
CA GLY B 26 -4.19 -11.64 39.19
C GLY B 26 -3.43 -12.45 38.14
N THR B 27 -3.38 -11.99 36.88
CA THR B 27 -2.63 -12.69 35.84
C THR B 27 -1.15 -12.56 36.12
N MET B 28 -0.42 -13.66 36.02
CA MET B 28 1.04 -13.66 36.22
C MET B 28 1.70 -12.90 35.08
N VAL B 29 2.66 -12.03 35.41
CA VAL B 29 3.51 -11.36 34.44
C VAL B 29 4.86 -12.09 34.37
N GLY B 30 5.47 -12.33 35.53
CA GLY B 30 6.69 -13.12 35.58
C GLY B 30 7.19 -13.35 37.00
N LEU B 31 8.25 -14.13 37.11
CA LEU B 31 8.86 -14.51 38.37
C LEU B 31 10.16 -13.74 38.62
N ILE B 32 10.29 -13.20 39.84
CA ILE B 32 11.53 -12.61 40.33
C ILE B 32 12.07 -13.53 41.44
N SER B 33 13.36 -13.83 41.38
CA SER B 33 14.01 -14.76 42.30
C SER B 33 15.39 -14.24 42.73
N ALA B 34 15.62 -14.21 44.04
CA ALA B 34 16.95 -13.93 44.58
C ALA B 34 17.21 -14.80 45.79
N ALA B 35 18.48 -15.03 46.08
CA ALA B 35 18.88 -15.87 47.20
C ALA B 35 19.99 -15.18 47.98
N ALA B 36 19.96 -15.33 49.30
CA ALA B 36 21.07 -14.97 50.17
C ALA B 36 21.21 -16.14 51.15
N ILE B 37 22.41 -16.72 51.24
CA ILE B 37 22.63 -17.99 51.94
C ILE B 37 22.02 -18.04 53.36
N ASN B 38 21.23 -19.09 53.62
CA ASN B 38 20.58 -19.35 54.93
C ASN B 38 19.63 -18.25 55.41
N GLN B 39 19.04 -17.48 54.50
CA GLN B 39 18.14 -16.37 54.86
C GLN B 39 16.95 -16.35 53.91
N SER B 40 15.76 -16.16 54.44
CA SER B 40 14.55 -15.96 53.60
C SER B 40 14.57 -14.58 52.93
N ILE B 41 13.83 -14.45 51.82
CA ILE B 41 13.84 -13.25 50.97
C ILE B 41 12.42 -12.67 50.84
N VAL B 42 12.30 -11.34 50.91
CA VAL B 42 11.03 -10.65 50.61
C VAL B 42 11.15 -9.65 49.47
N TYR B 43 10.12 -9.60 48.63
CA TYR B 43 10.15 -8.86 47.37
C TYR B 43 9.22 -7.68 47.44
N SER B 44 9.65 -6.53 46.92
CA SER B 44 8.76 -5.37 46.72
C SER B 44 9.07 -4.66 45.40
N ILE B 45 8.18 -3.73 45.01
CA ILE B 45 8.36 -2.89 43.84
C ILE B 45 8.69 -1.49 44.31
N VAL B 46 9.85 -0.98 43.90
CA VAL B 46 10.41 0.26 44.45
C VAL B 46 10.24 1.49 43.52
N SER B 47 10.08 1.29 42.22
CA SER B 47 9.93 2.42 41.30
C SER B 47 9.26 2.01 39.99
N GLY B 48 8.86 3.03 39.22
CA GLY B 48 8.22 2.82 37.91
C GLY B 48 6.84 2.20 37.89
N ASN B 49 6.18 2.09 39.05
CA ASN B 49 4.83 1.55 39.15
C ASN B 49 3.86 2.64 39.61
N GLU B 50 4.11 3.87 39.17
CA GLU B 50 3.32 5.06 39.57
C GLU B 50 1.82 4.89 39.29
N GLU B 51 1.49 4.31 38.14
CA GLU B 51 0.09 4.11 37.74
C GLU B 51 -0.63 2.94 38.45
N ASP B 52 0.11 2.18 39.28
CA ASP B 52 -0.43 1.09 40.11
C ASP B 52 -0.96 -0.11 39.32
N LYS B 53 -0.39 -0.33 38.14
CA LYS B 53 -0.86 -1.39 37.24
C LYS B 53 -0.37 -2.78 37.64
N PHE B 54 0.69 -2.86 38.44
CA PHE B 54 1.25 -4.16 38.86
C PHE B 54 1.40 -4.24 40.37
N GLY B 55 1.35 -5.46 40.89
CA GLY B 55 1.72 -5.79 42.27
C GLY B 55 2.69 -6.96 42.24
N ILE B 56 3.31 -7.25 43.39
CA ILE B 56 4.20 -8.41 43.53
C ILE B 56 3.88 -9.11 44.84
N ASN B 57 3.81 -10.44 44.81
CA ASN B 57 3.63 -11.25 46.01
C ASN B 57 4.96 -11.22 46.76
N ASN B 58 4.98 -10.57 47.93
CA ASN B 58 6.25 -10.36 48.65
C ASN B 58 6.98 -11.64 49.07
N ILE B 59 6.31 -12.79 49.10
CA ILE B 59 6.94 -14.07 49.42
C ILE B 59 7.41 -14.83 48.17
N THR B 60 6.54 -15.00 47.18
CA THR B 60 6.86 -15.82 46.00
C THR B 60 7.67 -15.09 44.91
N GLY B 61 7.59 -13.76 44.90
CA GLY B 61 8.25 -12.95 43.88
C GLY B 61 7.50 -12.88 42.55
N VAL B 62 6.25 -13.37 42.52
CA VAL B 62 5.43 -13.38 41.32
C VAL B 62 4.86 -11.97 41.13
N ILE B 63 5.21 -11.35 39.99
CA ILE B 63 4.63 -10.08 39.56
C ILE B 63 3.33 -10.41 38.83
N TYR B 64 2.28 -9.67 39.16
CA TYR B 64 0.94 -9.92 38.65
C TYR B 64 0.26 -8.61 38.25
N VAL B 65 -0.75 -8.72 37.38
CA VAL B 65 -1.55 -7.58 36.95
C VAL B 65 -2.50 -7.17 38.07
N ASN B 66 -2.48 -5.88 38.40
CA ASN B 66 -3.20 -5.31 39.53
C ASN B 66 -4.40 -4.44 39.14
N ALA B 67 -4.45 -4.00 37.88
CA ALA B 67 -5.47 -3.05 37.42
C ALA B 67 -5.68 -3.21 35.91
N PRO B 68 -6.74 -2.60 35.35
CA PRO B 68 -6.93 -2.65 33.89
C PRO B 68 -5.77 -2.05 33.09
N LEU B 69 -5.35 -2.74 32.03
CA LEU B 69 -4.30 -2.26 31.13
C LEU B 69 -4.89 -1.76 29.82
N ASP B 70 -4.10 -0.99 29.08
CA ASP B 70 -4.52 -0.46 27.81
C ASP B 70 -3.31 -0.09 26.95
N TYR B 71 -3.07 -0.92 25.93
CA TYR B 71 -2.00 -0.69 24.97
C TYR B 71 -2.09 0.69 24.31
N GLU B 72 -3.32 1.14 24.06
CA GLU B 72 -3.57 2.43 23.42
C GLU B 72 -3.28 3.65 24.31
N THR B 73 -3.14 3.46 25.63
CA THR B 73 -2.66 4.49 26.54
C THR B 73 -1.16 4.34 26.82
N ARG B 74 -0.72 3.11 27.14
CA ARG B 74 0.68 2.88 27.48
C ARG B 74 1.14 1.47 27.09
N THR B 75 2.25 1.40 26.38
CA THR B 75 2.78 0.14 25.84
C THR B 75 3.88 -0.53 26.67
N SER B 76 4.62 0.26 27.46
CA SER B 76 5.84 -0.22 28.15
C SER B 76 5.91 0.27 29.59
N TYR B 77 6.48 -0.57 30.45
CA TYR B 77 6.73 -0.21 31.85
C TYR B 77 8.12 -0.68 32.23
N VAL B 78 8.82 0.11 33.03
CA VAL B 78 10.12 -0.30 33.57
C VAL B 78 10.03 -0.21 35.10
N LEU B 79 9.91 -1.37 35.74
CA LEU B 79 9.83 -1.48 37.20
C LEU B 79 11.19 -1.78 37.78
N ARG B 80 11.45 -1.27 38.99
CA ARG B 80 12.61 -1.67 39.78
C ARG B 80 12.04 -2.51 40.93
N VAL B 81 12.46 -3.77 41.02
CA VAL B 81 12.07 -4.63 42.14
C VAL B 81 13.22 -4.72 43.13
N GLN B 82 12.88 -4.85 44.41
CA GLN B 82 13.87 -4.96 45.49
C GLN B 82 13.68 -6.27 46.24
N ALA B 83 14.80 -6.93 46.55
CA ALA B 83 14.83 -8.15 47.36
C ALA B 83 15.58 -7.84 48.65
N ASP B 84 14.94 -8.13 49.78
CA ASP B 84 15.52 -7.98 51.13
C ASP B 84 15.58 -9.33 51.85
N SER B 85 16.61 -9.54 52.70
CA SER B 85 16.76 -10.80 53.47
C SER B 85 16.27 -10.78 54.93
N SER B 99 19.82 -5.72 51.17
CA SER B 99 18.98 -5.53 50.00
C SER B 99 19.76 -5.37 48.69
N ASN B 100 19.03 -5.53 47.59
CA ASN B 100 19.57 -5.37 46.24
C ASN B 100 18.38 -5.25 45.30
N THR B 101 18.57 -4.58 44.17
CA THR B 101 17.48 -4.34 43.21
C THR B 101 17.77 -4.88 41.82
N ALA B 102 16.74 -4.91 40.99
CA ALA B 102 16.86 -5.33 39.59
C ALA B 102 15.72 -4.75 38.75
N LYS B 103 16.01 -4.47 37.49
CA LYS B 103 15.03 -3.85 36.59
C LYS B 103 14.16 -4.96 35.98
N VAL B 104 12.86 -4.66 35.83
CA VAL B 104 11.91 -5.54 35.12
C VAL B 104 11.29 -4.76 33.96
N TYR B 105 11.61 -5.15 32.72
CA TYR B 105 11.04 -4.51 31.53
C TYR B 105 9.75 -5.24 31.16
N ILE B 106 8.60 -4.57 31.33
CA ILE B 106 7.30 -5.16 30.99
C ILE B 106 6.77 -4.50 29.70
N GLU B 107 6.41 -5.31 28.71
CA GLU B 107 5.79 -4.80 27.48
C GLU B 107 4.33 -5.27 27.41
N ILE B 108 3.45 -4.37 26.99
CA ILE B 108 2.03 -4.69 26.83
C ILE B 108 1.81 -5.19 25.40
N GLN B 109 1.06 -6.28 25.26
CA GLN B 109 0.73 -6.82 23.95
C GLN B 109 -0.58 -6.21 23.47
N ASP B 110 -0.55 -5.63 22.27
CA ASP B 110 -1.76 -5.10 21.64
C ASP B 110 -2.72 -6.26 21.40
N GLU B 111 -3.95 -6.11 21.85
CA GLU B 111 -5.06 -6.98 21.47
C GLU B 111 -6.06 -6.24 20.58
N ASN B 112 -6.88 -7.05 19.92
CA ASN B 112 -7.84 -6.60 18.91
C ASN B 112 -9.12 -6.16 19.61
N ASP B 113 -9.12 -4.93 20.11
CA ASP B 113 -10.28 -4.41 20.87
C ASP B 113 -10.90 -3.16 20.23
N HIS B 114 -10.58 -2.87 18.97
CA HIS B 114 -11.23 -1.79 18.26
C HIS B 114 -11.75 -2.38 16.94
N PRO B 115 -13.06 -2.30 16.70
CA PRO B 115 -13.53 -2.78 15.40
C PRO B 115 -13.20 -1.78 14.26
N PRO B 116 -13.12 -2.26 13.01
CA PRO B 116 -13.01 -1.35 11.84
C PRO B 116 -14.11 -0.27 11.78
N VAL B 117 -13.71 0.96 11.45
CA VAL B 117 -14.64 2.08 11.23
C VAL B 117 -14.34 2.61 9.86
N PHE B 118 -15.34 2.61 8.97
CA PHE B 118 -15.20 3.23 7.66
C PHE B 118 -15.04 4.73 7.76
N GLN B 119 -14.24 5.31 6.87
CA GLN B 119 -14.01 6.76 6.88
C GLN B 119 -15.27 7.53 6.50
N LYS B 120 -16.15 6.93 5.71
CA LYS B 120 -17.52 7.46 5.52
C LYS B 120 -18.52 6.39 5.86
N LYS B 121 -19.67 6.75 6.41
CA LYS B 121 -20.73 5.77 6.68
C LYS B 121 -21.51 5.44 5.39
N PHE B 122 -21.47 6.34 4.40
CA PHE B 122 -22.25 6.22 3.16
C PHE B 122 -21.41 6.63 1.97
N TYR B 123 -21.08 5.69 1.09
CA TYR B 123 -20.31 5.95 -0.10
C TYR B 123 -21.26 6.04 -1.29
N ILE B 124 -21.13 7.08 -2.09
CA ILE B 124 -21.94 7.26 -3.29
C ILE B 124 -21.05 7.24 -4.55
N GLY B 125 -21.50 6.49 -5.55
CA GLY B 125 -20.86 6.43 -6.84
C GLY B 125 -21.85 6.19 -7.94
N GLY B 126 -21.30 6.06 -9.14
CA GLY B 126 -22.12 5.86 -10.32
C GLY B 126 -21.38 5.01 -11.33
N VAL B 127 -22.15 4.47 -12.28
CA VAL B 127 -21.68 3.81 -13.42
C VAL B 127 -22.46 4.30 -14.62
N SER B 128 -21.76 4.36 -15.73
CA SER B 128 -22.37 4.67 -16.99
C SER B 128 -22.92 3.37 -17.62
N GLU B 129 -23.97 3.50 -18.44
CA GLU B 129 -24.50 2.35 -19.17
C GLU B 129 -23.44 1.56 -19.98
N ASP B 130 -22.44 2.25 -20.52
CA ASP B 130 -21.35 1.57 -21.23
C ASP B 130 -20.04 1.34 -20.40
N ALA B 131 -20.11 1.33 -19.06
CA ALA B 131 -18.99 0.91 -18.26
C ALA B 131 -18.49 -0.49 -18.68
N ARG B 132 -17.19 -0.62 -18.87
CA ARG B 132 -16.56 -1.91 -19.17
C ARG B 132 -16.54 -2.77 -17.92
N MET B 133 -16.46 -4.07 -18.11
CA MET B 133 -16.44 -5.00 -16.98
C MET B 133 -15.20 -4.75 -16.13
N PHE B 134 -15.40 -4.76 -14.82
CA PHE B 134 -14.35 -4.53 -13.83
C PHE B 134 -13.77 -3.09 -13.87
N ALA B 135 -14.55 -2.13 -14.36
CA ALA B 135 -14.23 -0.69 -14.28
C ALA B 135 -14.26 -0.26 -12.82
N SER B 136 -13.35 0.64 -12.46
CA SER B 136 -13.32 1.15 -11.09
C SER B 136 -14.53 2.02 -10.85
N VAL B 137 -15.13 1.91 -9.69
CA VAL B 137 -16.30 2.68 -9.32
C VAL B 137 -15.90 3.63 -8.22
N LEU B 138 -15.46 3.11 -7.07
CA LEU B 138 -14.94 3.96 -5.99
C LEU B 138 -14.09 3.13 -5.06
N ARG B 139 -13.31 3.80 -4.21
CA ARG B 139 -12.46 3.10 -3.27
C ARG B 139 -12.97 3.36 -1.84
N VAL B 140 -13.16 2.32 -1.05
CA VAL B 140 -13.50 2.45 0.35
C VAL B 140 -12.27 2.22 1.26
N LYS B 141 -12.36 2.64 2.51
CA LYS B 141 -11.27 2.47 3.48
C LYS B 141 -11.84 2.49 4.88
N ALA B 142 -11.48 1.48 5.67
CA ALA B 142 -11.75 1.46 7.09
C ALA B 142 -10.43 1.42 7.84
N THR B 143 -10.38 2.00 9.03
CA THR B 143 -9.21 1.98 9.92
C THR B 143 -9.65 1.69 11.34
N ASP B 144 -8.73 1.31 12.21
CA ASP B 144 -8.99 1.35 13.64
C ASP B 144 -7.71 1.56 14.43
N LYS B 145 -7.85 1.84 15.71
CA LYS B 145 -6.72 2.23 16.54
C LYS B 145 -5.74 1.12 16.94
N ASP B 146 -6.04 -0.14 16.63
CA ASP B 146 -5.11 -1.24 16.94
C ASP B 146 -3.94 -1.18 15.99
N THR B 147 -2.91 -1.97 16.26
CA THR B 147 -1.68 -1.99 15.47
C THR B 147 -1.58 -3.24 14.62
N GLY B 148 -0.80 -3.12 13.54
CA GLY B 148 -0.41 -4.24 12.68
C GLY B 148 -1.59 -5.00 12.12
N ASN B 149 -1.56 -6.32 12.24
CA ASN B 149 -2.63 -7.19 11.76
C ASN B 149 -4.01 -6.81 12.32
N TYR B 150 -4.06 -6.34 13.57
CA TYR B 150 -5.33 -6.02 14.22
C TYR B 150 -6.08 -4.77 13.73
N SER B 151 -5.47 -4.02 12.82
CA SER B 151 -6.19 -3.02 12.03
C SER B 151 -5.95 -3.17 10.51
N ALA B 152 -5.54 -4.35 10.06
CA ALA B 152 -5.26 -4.61 8.64
C ALA B 152 -6.52 -5.30 8.06
N MET B 153 -7.10 -4.68 7.06
CA MET B 153 -8.45 -4.95 6.63
C MET B 153 -8.56 -5.91 5.46
N ALA B 154 -9.53 -6.80 5.54
CA ALA B 154 -10.09 -7.50 4.37
C ALA B 154 -11.52 -6.95 4.15
N TYR B 155 -11.82 -6.60 2.91
CA TYR B 155 -13.11 -6.05 2.50
C TYR B 155 -13.97 -7.06 1.73
N ARG B 156 -15.28 -6.99 1.91
CA ARG B 156 -16.24 -7.75 1.10
C ARG B 156 -17.55 -6.98 0.94
N LEU B 157 -18.34 -7.35 -0.07
CA LEU B 157 -19.62 -6.72 -0.37
C LEU B 157 -20.80 -7.62 -0.02
N ILE B 158 -21.90 -7.02 0.44
CA ILE B 158 -23.13 -7.78 0.60
C ILE B 158 -24.12 -6.99 -0.28
N ILE B 159 -24.53 -7.67 -1.35
CA ILE B 159 -25.35 -7.06 -2.41
C ILE B 159 -26.69 -7.79 -2.49
N PRO B 160 -27.82 -7.05 -2.37
CA PRO B 160 -29.14 -7.71 -2.52
C PRO B 160 -29.26 -8.43 -3.89
N PRO B 161 -30.06 -9.49 -3.98
CA PRO B 161 -30.16 -10.25 -5.24
C PRO B 161 -30.40 -9.36 -6.47
N ILE B 162 -29.69 -9.69 -7.55
CA ILE B 162 -29.87 -9.06 -8.87
C ILE B 162 -30.31 -10.19 -9.78
N LYS B 163 -31.21 -9.90 -10.71
CA LYS B 163 -31.73 -10.96 -11.60
C LYS B 163 -30.67 -11.65 -12.46
N GLU B 164 -30.95 -12.91 -12.78
CA GLU B 164 -30.10 -13.77 -13.59
C GLU B 164 -28.76 -14.14 -12.93
N GLY B 165 -28.72 -14.05 -11.60
CA GLY B 165 -27.56 -14.48 -10.83
C GLY B 165 -26.35 -13.56 -10.90
N LYS B 166 -26.55 -12.32 -11.33
CA LYS B 166 -25.47 -11.38 -11.52
C LYS B 166 -24.96 -10.87 -10.18
N GLU B 167 -23.66 -10.68 -10.09
CA GLU B 167 -23.01 -10.28 -8.83
C GLU B 167 -22.97 -8.76 -8.64
N GLY B 168 -23.12 -7.98 -9.74
CA GLY B 168 -23.21 -6.55 -9.67
C GLY B 168 -21.86 -5.86 -9.60
N PHE B 169 -21.19 -6.00 -8.46
CA PHE B 169 -19.91 -5.38 -8.12
C PHE B 169 -19.07 -6.36 -7.36
N VAL B 170 -17.75 -6.13 -7.38
CA VAL B 170 -16.83 -6.82 -6.53
C VAL B 170 -15.98 -5.78 -5.85
N VAL B 171 -15.32 -6.21 -4.78
CA VAL B 171 -14.35 -5.37 -4.11
C VAL B 171 -13.04 -6.11 -4.02
N GLU B 172 -11.95 -5.41 -4.28
CA GLU B 172 -10.60 -5.98 -4.09
C GLU B 172 -10.42 -6.16 -2.61
N THR B 173 -10.11 -7.37 -2.21
CA THR B 173 -10.13 -7.78 -0.79
C THR B 173 -9.25 -6.92 0.12
N TYR B 174 -8.04 -6.52 -0.33
CA TYR B 174 -7.13 -5.75 0.55
C TYR B 174 -7.02 -4.26 0.23
N THR B 175 -7.49 -3.80 -0.93
CA THR B 175 -7.28 -2.42 -1.32
C THR B 175 -8.56 -1.59 -1.19
N GLY B 176 -9.70 -2.24 -1.07
CA GLY B 176 -10.97 -1.55 -0.97
C GLY B 176 -11.54 -0.98 -2.27
N LEU B 177 -10.94 -1.29 -3.42
CA LEU B 177 -11.43 -0.78 -4.69
C LEU B 177 -12.69 -1.56 -5.13
N ILE B 178 -13.77 -0.85 -5.33
CA ILE B 178 -15.02 -1.46 -5.79
C ILE B 178 -15.04 -1.33 -7.31
N LYS B 179 -15.27 -2.45 -8.01
CA LYS B 179 -15.27 -2.51 -9.47
C LYS B 179 -16.58 -3.11 -9.96
N THR B 180 -16.96 -2.83 -11.20
CA THR B 180 -18.18 -3.38 -11.79
C THR B 180 -18.04 -4.91 -12.08
N ALA B 181 -19.12 -5.67 -12.00
CA ALA B 181 -19.07 -7.08 -12.35
C ALA B 181 -20.21 -7.50 -13.26
N MET B 182 -20.86 -6.52 -13.89
CA MET B 182 -21.87 -6.79 -14.92
C MET B 182 -21.91 -5.61 -15.86
N LEU B 183 -22.57 -5.80 -17.00
CA LEU B 183 -22.85 -4.71 -17.92
C LEU B 183 -24.17 -4.00 -17.53
N PHE B 184 -24.24 -2.70 -17.79
CA PHE B 184 -25.37 -1.87 -17.34
C PHE B 184 -26.19 -1.30 -18.52
N HIS B 185 -26.09 -1.97 -19.66
CA HIS B 185 -26.82 -1.54 -20.88
C HIS B 185 -28.30 -1.39 -20.58
N ASN B 186 -28.87 -0.26 -21.01
CA ASN B 186 -30.29 0.03 -20.84
C ASN B 186 -30.76 0.15 -19.39
N MET B 187 -29.87 0.35 -18.43
CA MET B 187 -30.27 0.42 -17.02
C MET B 187 -30.23 1.86 -16.46
N ARG B 188 -30.07 2.86 -17.31
CA ARG B 188 -30.11 4.25 -16.84
C ARG B 188 -31.30 4.46 -15.89
N ARG B 189 -31.01 5.09 -14.75
CA ARG B 189 -31.96 5.42 -13.66
CA ARG B 189 -32.00 5.43 -13.70
C ARG B 189 -32.27 4.27 -12.72
N SER B 190 -31.78 3.08 -13.02
CA SER B 190 -31.67 2.02 -12.02
C SER B 190 -30.51 2.33 -11.07
N TYR B 191 -30.52 1.69 -9.91
CA TYR B 191 -29.49 1.92 -8.92
C TYR B 191 -29.36 0.71 -8.02
N PHE B 192 -28.24 0.63 -7.29
CA PHE B 192 -27.90 -0.48 -6.41
C PHE B 192 -27.52 0.07 -5.05
N LYS B 193 -28.17 -0.39 -4.01
CA LYS B 193 -27.81 -0.11 -2.63
C LYS B 193 -27.33 -1.38 -2.01
N PHE B 194 -26.18 -1.31 -1.37
CA PHE B 194 -25.55 -2.48 -0.82
C PHE B 194 -24.63 -2.09 0.32
N GLN B 195 -23.97 -3.07 0.93
CA GLN B 195 -23.06 -2.80 2.05
C GLN B 195 -21.64 -3.27 1.75
N VAL B 196 -20.66 -2.59 2.34
CA VAL B 196 -19.29 -3.03 2.31
C VAL B 196 -18.92 -3.30 3.78
N ILE B 197 -18.25 -4.42 4.00
CA ILE B 197 -17.81 -4.90 5.31
C ILE B 197 -16.29 -4.84 5.31
N ALA B 198 -15.72 -4.34 6.41
CA ALA B 198 -14.29 -4.44 6.66
C ALA B 198 -14.10 -5.35 7.86
N THR B 199 -13.21 -6.32 7.73
CA THR B 199 -12.88 -7.19 8.85
C THR B 199 -11.36 -7.15 9.03
N ASP B 200 -10.93 -6.84 10.25
CA ASP B 200 -9.51 -6.73 10.55
C ASP B 200 -8.88 -8.11 10.77
N ASP B 201 -7.58 -8.11 11.02
CA ASP B 201 -6.79 -9.32 11.05
C ASP B 201 -6.97 -10.10 9.74
N TYR B 202 -6.99 -9.34 8.64
CA TYR B 202 -7.15 -9.86 7.28
C TYR B 202 -8.34 -10.80 7.15
N GLY B 203 -9.47 -10.40 7.72
CA GLY B 203 -10.70 -11.17 7.61
C GLY B 203 -11.00 -12.13 8.72
N LYS B 204 -10.16 -12.22 9.76
CA LYS B 204 -10.46 -13.16 10.83
C LYS B 204 -10.81 -12.54 12.18
N GLY B 205 -10.92 -11.21 12.24
CA GLY B 205 -11.17 -10.49 13.49
C GLY B 205 -12.52 -9.79 13.58
N LEU B 206 -12.50 -8.51 13.93
CA LEU B 206 -13.70 -7.73 14.16
C LEU B 206 -14.12 -7.03 12.87
N SER B 207 -15.38 -6.64 12.83
CA SER B 207 -16.01 -6.12 11.63
C SER B 207 -16.69 -4.77 11.84
N GLY B 208 -16.65 -3.95 10.81
CA GLY B 208 -17.51 -2.78 10.67
C GLY B 208 -18.08 -2.71 9.25
N LYS B 209 -19.01 -1.80 9.04
CA LYS B 209 -19.66 -1.65 7.74
C LYS B 209 -19.98 -0.22 7.34
N ALA B 210 -20.29 -0.06 6.06
CA ALA B 210 -20.77 1.19 5.51
C ALA B 210 -21.77 0.86 4.41
N ASP B 211 -22.65 1.80 4.13
CA ASP B 211 -23.59 1.67 3.00
C ASP B 211 -22.99 2.26 1.73
N VAL B 212 -23.43 1.72 0.58
CA VAL B 212 -22.98 2.13 -0.73
C VAL B 212 -24.20 2.28 -1.65
N LEU B 213 -24.22 3.37 -2.41
CA LEU B 213 -25.20 3.62 -3.47
C LEU B 213 -24.40 3.75 -4.74
N VAL B 214 -24.72 2.93 -5.73
CA VAL B 214 -24.22 3.15 -7.08
C VAL B 214 -25.40 3.35 -8.03
N SER B 215 -25.46 4.49 -8.69
CA SER B 215 -26.56 4.80 -9.59
C SER B 215 -26.11 4.69 -11.05
N VAL B 216 -27.01 4.29 -11.94
CA VAL B 216 -26.67 4.12 -13.34
C VAL B 216 -27.13 5.34 -14.14
N VAL B 217 -26.22 5.85 -14.95
CA VAL B 217 -26.43 7.01 -15.81
C VAL B 217 -26.01 6.72 -17.22
N ASN B 218 -26.26 7.68 -18.11
CA ASN B 218 -25.59 7.69 -19.42
C ASN B 218 -25.25 9.13 -19.80
N GLN B 219 -24.89 9.34 -21.05
CA GLN B 219 -24.49 10.68 -21.53
CA GLN B 219 -24.44 10.70 -21.46
C GLN B 219 -25.54 11.78 -21.33
N LEU B 220 -26.83 11.40 -21.31
CA LEU B 220 -27.94 12.37 -21.06
C LEU B 220 -27.86 13.01 -19.67
N ASP B 221 -27.10 12.42 -18.75
CA ASP B 221 -26.89 12.94 -17.41
C ASP B 221 -25.65 13.78 -17.22
N MET B 222 -24.87 13.96 -18.27
CA MET B 222 -23.51 14.45 -18.09
C MET B 222 -23.33 15.87 -18.60
N GLN B 223 -22.31 16.52 -18.07
CA GLN B 223 -21.82 17.80 -18.57
C GLN B 223 -20.29 17.71 -18.72
N VAL B 224 -19.74 18.50 -19.62
CA VAL B 224 -18.25 18.54 -19.83
C VAL B 224 -17.70 19.88 -19.28
N ILE B 225 -16.78 19.80 -18.34
CA ILE B 225 -16.02 20.93 -17.86
C ILE B 225 -14.77 21.03 -18.75
N VAL B 226 -14.63 22.12 -19.48
CA VAL B 226 -13.50 22.35 -20.36
C VAL B 226 -12.50 23.28 -19.66
N SER B 227 -11.28 22.82 -19.48
CA SER B 227 -10.22 23.57 -18.75
C SER B 227 -9.02 23.87 -19.65
N ASN B 228 -8.34 24.99 -19.40
CA ASN B 228 -7.17 25.37 -20.19
C ASN B 228 -5.83 24.71 -19.73
N VAL B 229 -5.90 23.52 -19.14
CA VAL B 229 -4.71 22.78 -18.71
C VAL B 229 -4.79 21.33 -19.24
N PRO B 230 -3.64 20.65 -19.33
CA PRO B 230 -3.64 19.29 -19.90
C PRO B 230 -4.38 18.26 -19.02
N PRO B 231 -4.94 17.22 -19.65
CA PRO B 231 -5.70 16.24 -18.89
C PRO B 231 -4.84 15.51 -17.84
N THR B 232 -3.54 15.39 -18.08
CA THR B 232 -2.65 14.79 -17.11
C THR B 232 -2.55 15.57 -15.79
N LEU B 233 -2.66 16.90 -15.86
CA LEU B 233 -2.67 17.71 -14.65
C LEU B 233 -4.00 17.48 -13.88
N VAL B 234 -5.11 17.54 -14.61
CA VAL B 234 -6.43 17.33 -14.01
C VAL B 234 -6.50 15.95 -13.35
N GLU B 235 -5.98 14.94 -14.03
CA GLU B 235 -6.05 13.57 -13.50
C GLU B 235 -5.21 13.42 -12.23
N LYS B 236 -4.04 14.03 -12.19
CA LYS B 236 -3.20 13.97 -11.00
C LYS B 236 -3.91 14.56 -9.75
N LYS B 237 -4.71 15.58 -9.94
CA LYS B 237 -5.35 16.32 -8.86
C LYS B 237 -6.85 15.98 -8.71
N ILE B 238 -7.32 14.94 -9.38
CA ILE B 238 -8.76 14.74 -9.55
C ILE B 238 -9.52 14.57 -8.23
N GLU B 239 -8.88 14.02 -7.20
CA GLU B 239 -9.57 13.81 -5.93
C GLU B 239 -9.92 15.14 -5.25
N ASP B 240 -8.97 16.07 -5.22
CA ASP B 240 -9.20 17.37 -4.64
C ASP B 240 -10.16 18.21 -5.51
N LEU B 241 -10.02 18.13 -6.83
CA LEU B 241 -10.94 18.83 -7.70
C LEU B 241 -12.38 18.35 -7.53
N THR B 242 -12.55 17.03 -7.46
CA THR B 242 -13.90 16.44 -7.30
C THR B 242 -14.53 16.88 -5.96
N GLU B 243 -13.70 16.93 -4.91
CA GLU B 243 -14.14 17.35 -3.61
C GLU B 243 -14.59 18.83 -3.63
N ILE B 244 -13.88 19.68 -4.37
CA ILE B 244 -14.31 21.08 -4.51
C ILE B 244 -15.66 21.15 -5.24
N LEU B 245 -15.79 20.42 -6.34
CA LEU B 245 -17.07 20.41 -7.07
C LEU B 245 -18.24 19.86 -6.22
N ASP B 246 -17.99 18.83 -5.39
CA ASP B 246 -19.00 18.31 -4.46
C ASP B 246 -19.55 19.45 -3.57
N ARG B 247 -18.68 20.29 -3.03
CA ARG B 247 -19.10 21.39 -2.17
C ARG B 247 -20.06 22.34 -2.87
N TYR B 248 -19.78 22.70 -4.12
CA TYR B 248 -20.68 23.60 -4.86
C TYR B 248 -22.01 22.92 -5.17
N VAL B 249 -21.98 21.65 -5.57
CA VAL B 249 -23.25 20.96 -5.85
C VAL B 249 -24.06 20.77 -4.56
N GLN B 250 -23.36 20.49 -3.45
CA GLN B 250 -23.98 20.17 -2.19
C GLN B 250 -24.64 21.35 -1.52
N GLU B 251 -24.22 22.60 -1.81
CA GLU B 251 -24.98 23.72 -1.29
C GLU B 251 -26.35 23.86 -1.98
N GLN B 252 -26.52 23.28 -3.18
CA GLN B 252 -27.84 23.23 -3.83
C GLN B 252 -28.66 21.94 -3.58
N ILE B 253 -27.98 20.79 -3.55
CA ILE B 253 -28.62 19.50 -3.39
C ILE B 253 -27.86 18.77 -2.30
N PRO B 254 -28.39 18.76 -1.06
CA PRO B 254 -27.69 18.18 0.09
C PRO B 254 -27.25 16.73 -0.12
N GLY B 255 -25.98 16.43 0.18
CA GLY B 255 -25.45 15.08 0.01
C GLY B 255 -25.14 14.64 -1.41
N ALA B 256 -25.34 15.48 -2.41
CA ALA B 256 -25.09 15.08 -3.79
C ALA B 256 -23.62 14.82 -4.00
N LYS B 257 -23.32 13.87 -4.88
CA LYS B 257 -21.94 13.45 -5.10
C LYS B 257 -21.63 13.64 -6.57
N VAL B 258 -20.53 14.33 -6.86
CA VAL B 258 -20.06 14.52 -8.23
C VAL B 258 -19.22 13.30 -8.57
N VAL B 259 -19.46 12.77 -9.76
CA VAL B 259 -18.76 11.60 -10.25
C VAL B 259 -18.10 12.00 -11.57
N VAL B 260 -16.85 11.60 -11.70
CA VAL B 260 -16.08 11.80 -12.93
C VAL B 260 -16.26 10.62 -13.87
N GLU B 261 -16.82 10.84 -15.04
CA GLU B 261 -16.98 9.82 -16.05
C GLU B 261 -15.66 9.61 -16.81
N SER B 262 -14.99 10.69 -17.22
CA SER B 262 -13.74 10.57 -17.96
C SER B 262 -12.98 11.90 -17.94
N ILE B 263 -11.71 11.81 -18.25
CA ILE B 263 -10.78 12.93 -18.32
C ILE B 263 -10.06 12.72 -19.62
N GLY B 264 -10.10 13.71 -20.51
CA GLY B 264 -9.52 13.58 -21.83
C GLY B 264 -9.03 14.86 -22.39
N ALA B 265 -8.45 14.78 -23.59
CA ALA B 265 -8.10 15.97 -24.32
C ALA B 265 -9.35 16.84 -24.56
N ARG B 266 -9.16 18.14 -24.75
CA ARG B 266 -10.25 18.97 -25.15
C ARG B 266 -10.67 18.60 -26.59
N ARG B 267 -11.94 18.30 -26.79
CA ARG B 267 -12.45 17.95 -28.09
C ARG B 267 -13.06 19.16 -28.75
N HIS B 268 -12.91 19.25 -30.05
CA HIS B 268 -13.36 20.38 -30.85
C HIS B 268 -13.50 19.96 -32.30
N GLY B 269 -13.87 20.91 -33.16
CA GLY B 269 -14.06 20.67 -34.58
C GLY B 269 -15.40 20.02 -34.85
N ASP B 270 -15.61 19.60 -36.09
CA ASP B 270 -16.82 18.97 -36.56
C ASP B 270 -17.05 17.68 -35.79
N ALA B 271 -18.24 17.59 -35.19
CA ALA B 271 -18.64 16.44 -34.39
C ALA B 271 -17.70 16.16 -33.23
N PHE B 272 -17.03 17.19 -32.73
CA PHE B 272 -16.03 17.07 -31.66
C PHE B 272 -15.07 15.92 -31.91
N SER B 273 -14.66 15.80 -33.17
CA SER B 273 -13.79 14.72 -33.59
C SER B 273 -12.28 15.00 -33.38
N LEU B 274 -11.87 16.24 -33.17
CA LEU B 274 -10.45 16.60 -33.01
C LEU B 274 -10.07 16.65 -31.52
N GLU B 275 -8.79 16.51 -31.20
CA GLU B 275 -8.29 16.52 -29.83
C GLU B 275 -7.19 17.52 -29.60
N ASP B 276 -7.29 18.31 -28.55
CA ASP B 276 -6.26 19.25 -28.13
C ASP B 276 -5.78 18.82 -26.72
N TYR B 277 -4.58 18.23 -26.70
CA TYR B 277 -3.98 17.68 -25.47
C TYR B 277 -3.34 18.74 -24.56
N THR B 278 -3.32 20.00 -24.97
CA THR B 278 -2.87 21.07 -24.09
C THR B 278 -4.02 21.54 -23.17
N LYS B 279 -5.24 21.07 -23.46
CA LYS B 279 -6.42 21.46 -22.71
C LYS B 279 -7.20 20.18 -22.36
N CYS B 280 -8.26 20.33 -21.58
CA CYS B 280 -8.89 19.16 -20.97
C CYS B 280 -10.40 19.25 -20.96
N ASP B 281 -11.02 18.14 -21.34
CA ASP B 281 -12.46 17.90 -21.15
C ASP B 281 -12.65 16.94 -19.98
N LEU B 282 -13.33 17.42 -18.95
CA LEU B 282 -13.63 16.64 -17.74
C LEU B 282 -15.14 16.37 -17.75
N THR B 283 -15.53 15.14 -18.03
CA THR B 283 -16.95 14.79 -18.13
C THR B 283 -17.45 14.27 -16.77
N VAL B 284 -18.48 14.93 -16.25
CA VAL B 284 -19.01 14.70 -14.90
C VAL B 284 -20.53 14.59 -14.88
N TYR B 285 -21.02 14.01 -13.79
CA TYR B 285 -22.41 13.96 -13.47
C TYR B 285 -22.52 14.00 -11.96
N ALA B 286 -23.74 14.10 -11.44
CA ALA B 286 -23.88 14.08 -9.99
C ALA B 286 -25.01 13.17 -9.60
N ILE B 287 -24.84 12.46 -8.48
CA ILE B 287 -25.87 11.59 -7.97
C ILE B 287 -26.50 12.22 -6.72
N ASP B 288 -27.83 12.24 -6.68
CA ASP B 288 -28.63 12.78 -5.54
C ASP B 288 -29.10 11.61 -4.65
N PRO B 289 -28.55 11.47 -3.41
CA PRO B 289 -29.01 10.37 -2.57
C PRO B 289 -30.47 10.43 -2.15
N GLN B 290 -31.15 11.57 -2.29
CA GLN B 290 -32.58 11.65 -2.08
C GLN B 290 -33.40 10.83 -3.08
N THR B 291 -32.96 10.81 -4.34
CA THR B 291 -33.69 10.08 -5.40
C THR B 291 -33.01 8.79 -5.82
N ASN B 292 -31.73 8.58 -5.43
CA ASN B 292 -30.90 7.48 -5.87
C ASN B 292 -30.57 7.54 -7.37
N ARG B 293 -30.75 8.73 -7.96
CA ARG B 293 -30.58 8.93 -9.40
C ARG B 293 -29.81 10.21 -9.67
N ALA B 294 -29.41 10.39 -10.92
CA ALA B 294 -28.67 11.56 -11.32
C ALA B 294 -29.45 12.86 -11.16
N VAL B 295 -28.71 13.90 -10.80
CA VAL B 295 -29.20 15.27 -10.78
C VAL B 295 -29.50 15.61 -12.25
N ASP B 296 -30.56 16.34 -12.44
CA ASP B 296 -30.97 16.80 -13.78
C ASP B 296 -29.78 17.60 -14.37
N ARG B 297 -29.37 17.25 -15.60
CA ARG B 297 -28.16 17.80 -16.15
C ARG B 297 -28.21 19.31 -16.39
N ASN B 298 -29.38 19.85 -16.66
CA ASN B 298 -29.57 21.31 -16.76
C ASN B 298 -29.40 22.01 -15.42
N GLU B 299 -29.84 21.39 -14.32
CA GLU B 299 -29.56 21.92 -13.01
C GLU B 299 -28.07 21.87 -12.70
N LEU B 300 -27.41 20.74 -13.01
CA LEU B 300 -25.99 20.62 -12.84
C LEU B 300 -25.26 21.73 -13.63
N PHE B 301 -25.69 22.01 -14.87
CA PHE B 301 -25.12 23.07 -15.67
C PHE B 301 -25.21 24.42 -14.90
N LYS B 302 -26.40 24.73 -14.37
CA LYS B 302 -26.60 25.98 -13.61
CA LYS B 302 -26.61 25.97 -13.61
C LYS B 302 -25.70 26.07 -12.38
N PHE B 303 -25.58 24.99 -11.62
CA PHE B 303 -24.76 24.97 -10.42
C PHE B 303 -23.29 25.24 -10.73
N LEU B 304 -22.77 24.69 -11.82
CA LEU B 304 -21.37 24.87 -12.18
C LEU B 304 -21.12 26.17 -12.94
N ASP B 305 -21.90 26.39 -13.99
CA ASP B 305 -21.74 27.57 -14.83
C ASP B 305 -22.01 28.81 -14.03
N GLY B 306 -23.01 28.80 -13.15
CA GLY B 306 -23.32 29.97 -12.35
C GLY B 306 -22.23 30.32 -11.34
N LYS B 307 -21.38 29.37 -10.97
CA LYS B 307 -20.38 29.58 -9.94
C LYS B 307 -18.96 29.51 -10.49
N LEU B 308 -18.80 29.70 -11.80
CA LEU B 308 -17.50 29.47 -12.44
C LEU B 308 -16.39 30.30 -11.82
N LEU B 309 -16.68 31.53 -11.46
CA LEU B 309 -15.66 32.41 -10.88
C LEU B 309 -15.13 31.89 -9.55
N ASP B 310 -16.04 31.41 -8.71
CA ASP B 310 -15.69 30.89 -7.41
C ASP B 310 -14.94 29.57 -7.53
N ILE B 311 -15.42 28.70 -8.43
CA ILE B 311 -14.80 27.41 -8.66
C ILE B 311 -13.39 27.62 -9.18
N ASN B 312 -13.19 28.56 -10.13
CA ASN B 312 -11.86 28.91 -10.63
C ASN B 312 -10.91 29.39 -9.56
N LYS B 313 -11.39 30.19 -8.62
CA LYS B 313 -10.56 30.59 -7.48
CA LYS B 313 -10.57 30.59 -7.46
C LYS B 313 -10.10 29.36 -6.65
N ASP B 314 -11.01 28.45 -6.33
CA ASP B 314 -10.65 27.23 -5.59
C ASP B 314 -9.77 26.27 -6.42
N PHE B 315 -9.89 26.28 -7.75
CA PHE B 315 -9.03 25.45 -8.60
C PHE B 315 -7.61 26.00 -8.78
N GLN B 316 -7.38 27.27 -8.44
CA GLN B 316 -6.11 27.94 -8.69
C GLN B 316 -4.85 27.22 -8.19
N PRO B 317 -4.85 26.78 -6.92
CA PRO B 317 -3.67 26.07 -6.42
C PRO B 317 -3.39 24.77 -7.15
N TYR B 318 -4.39 24.18 -7.82
CA TYR B 318 -4.22 22.94 -8.54
C TYR B 318 -3.87 23.15 -9.99
N TYR B 319 -4.50 24.14 -10.61
CA TYR B 319 -4.30 24.42 -12.04
C TYR B 319 -3.07 25.28 -12.28
N GLY B 320 -2.60 25.99 -11.27
CA GLY B 320 -1.48 26.91 -11.43
C GLY B 320 -1.86 28.27 -12.04
N GLU B 321 -0.89 29.14 -12.15
CA GLU B 321 -1.08 30.50 -12.64
C GLU B 321 -1.72 30.51 -14.03
N GLY B 322 -2.79 31.29 -14.17
CA GLY B 322 -3.59 31.36 -15.37
C GLY B 322 -4.52 30.23 -15.70
N GLY B 323 -4.50 29.16 -14.90
CA GLY B 323 -5.34 28.01 -15.13
C GLY B 323 -6.78 28.34 -14.77
N ARG B 324 -7.70 27.85 -15.58
CA ARG B 324 -9.14 28.09 -15.36
CA ARG B 324 -9.12 28.04 -15.27
C ARG B 324 -10.00 27.09 -16.11
N ILE B 325 -11.23 26.98 -15.66
CA ILE B 325 -12.30 26.39 -16.41
C ILE B 325 -12.68 27.44 -17.44
N LEU B 326 -12.66 27.05 -18.72
CA LEU B 326 -13.08 27.92 -19.82
C LEU B 326 -14.61 27.94 -19.96
N GLU B 327 -15.25 26.79 -19.89
CA GLU B 327 -16.69 26.70 -20.11
C GLU B 327 -17.20 25.35 -19.67
N ILE B 328 -18.51 25.27 -19.60
CA ILE B 328 -19.22 24.03 -19.43
C ILE B 328 -19.99 23.80 -20.74
N ARG B 329 -19.86 22.63 -21.34
CA ARG B 329 -20.65 22.32 -22.52
C ARG B 329 -21.33 20.93 -22.36
N THR B 330 -22.39 20.79 -23.14
CA THR B 330 -23.27 19.67 -23.00
C THR B 330 -22.88 18.69 -24.10
N PRO B 331 -22.56 17.44 -23.73
CA PRO B 331 -22.14 16.49 -24.82
C PRO B 331 -23.36 16.16 -25.65
N GLU B 332 -23.25 16.10 -26.96
CA GLU B 332 -24.41 15.80 -27.80
C GLU B 332 -24.08 14.69 -28.77
N ALA B 333 -24.96 13.70 -28.88
CA ALA B 333 -24.70 12.58 -29.81
C ALA B 333 -24.94 13.01 -31.27
N VAL B 334 -26.04 13.74 -31.53
CA VAL B 334 -26.36 14.14 -32.92
C VAL B 334 -25.68 15.49 -33.16
N THR B 335 -24.79 15.55 -34.15
CA THR B 335 -24.28 16.83 -34.73
C THR B 335 -24.66 16.82 -36.21
CA CA C . 25.14 -1.63 4.41
CA CA D . 21.46 0.67 4.44
CA CA E . 18.05 2.65 -1.11
CA CA F . -7.19 -1.08 24.57
CA CA G . -5.69 -2.76 20.99
CA CA H . -9.05 -3.91 15.29
#